data_5LC9
#
_entry.id   5LC9
#
_cell.length_a   164.783
_cell.length_b   164.783
_cell.length_c   94.983
_cell.angle_alpha   90.00
_cell.angle_beta   90.00
_cell.angle_gamma   90.00
#
_symmetry.space_group_name_H-M   'P 43 21 2'
#
loop_
_entity.id
_entity.type
_entity.pdbx_description
1 polymer 'Polyphosphate:AMP phosphotransferase'
2 non-polymer 'PHOSPHATE ION'
3 non-polymer 'SULFATE ION'
4 water water
#
_entity_poly.entity_id   1
_entity_poly.type   'polypeptide(L)'
_entity_poly.pdbx_seq_one_letter_code
;MGSSHHHHHHSSGLVPRGSHMKKYRVQPDGRFELKRFDPDDTSAFEGGKQAALEALAVLNRRLEKLQELLYAEGQHKVLV
VLQAMDAGGKDGTIRVVFDGVNPSGVRVASFGVPTEQELARDYLWRVHQQVPRKGELVIFNRSHYEDVLVVRVKNLVPQQ
VWQKRYRHIREFERMLADEGTTILKFFLHISKDEQRQRLQERLDNPEKRWKFRMGDLEDRRLWDRYQEAYEAAIRETSTE
YAPWYVIPANKNWYRNWLVSHILVETLEGLAMQYPQPETASEKIVIE
;
_entity_poly.pdbx_strand_id   A,B,C,D
#
# COMPACT_ATOMS: atom_id res chain seq x y z
N MET A 21 11.79 23.88 30.63
CA MET A 21 12.18 23.67 29.23
C MET A 21 11.05 24.04 28.26
N LYS A 22 9.92 24.61 28.80
CA LYS A 22 8.69 25.03 28.05
C LYS A 22 8.90 26.34 27.24
N LYS A 23 10.09 26.98 27.39
CA LYS A 23 10.48 28.15 26.58
C LYS A 23 10.60 27.75 25.08
N TYR A 24 10.79 26.45 24.80
CA TYR A 24 10.96 25.94 23.43
C TYR A 24 9.65 25.55 22.75
N ARG A 25 8.55 25.43 23.51
CA ARG A 25 7.23 25.10 22.94
C ARG A 25 6.66 26.37 22.33
N VAL A 26 6.29 26.31 21.05
CA VAL A 26 5.70 27.45 20.35
C VAL A 26 4.21 27.54 20.74
N GLN A 27 3.84 28.61 21.47
CA GLN A 27 2.45 28.82 21.92
C GLN A 27 1.51 29.03 20.74
N PRO A 28 0.26 28.54 20.82
CA PRO A 28 -0.65 28.67 19.67
C PRO A 28 -1.34 30.04 19.57
N ASP A 29 -0.56 31.13 19.66
CA ASP A 29 -1.09 32.49 19.58
C ASP A 29 -0.83 33.15 18.22
N GLY A 30 -0.20 32.41 17.31
CA GLY A 30 0.16 32.87 15.96
C GLY A 30 1.07 34.09 15.94
N ARG A 31 1.90 34.26 16.99
CA ARG A 31 2.83 35.38 17.14
C ARG A 31 4.31 34.94 17.12
N PHE A 32 4.58 33.68 16.74
CA PHE A 32 5.93 33.13 16.68
C PHE A 32 6.87 33.93 15.77
N GLU A 33 8.07 34.22 16.26
CA GLU A 33 9.13 34.88 15.53
C GLU A 33 10.38 34.03 15.71
N LEU A 34 10.90 33.48 14.61
CA LEU A 34 12.10 32.64 14.59
C LEU A 34 13.35 33.36 15.10
N LYS A 35 13.46 34.70 14.88
CA LYS A 35 14.59 35.50 15.38
C LYS A 35 14.76 35.46 16.90
N ARG A 36 13.72 35.06 17.64
CA ARG A 36 13.75 34.97 19.10
C ARG A 36 14.42 33.68 19.60
N PHE A 37 14.76 32.77 18.68
CA PHE A 37 15.43 31.51 19.02
C PHE A 37 16.81 31.51 18.40
N ASP A 38 17.81 31.33 19.23
CA ASP A 38 19.21 31.36 18.82
C ASP A 38 19.73 29.92 18.67
N PRO A 39 20.24 29.51 17.48
CA PRO A 39 20.76 28.13 17.31
C PRO A 39 21.87 27.73 18.28
N ASP A 40 22.58 28.72 18.87
CA ASP A 40 23.67 28.50 19.83
C ASP A 40 23.25 28.51 21.30
N ASP A 41 21.97 28.66 21.55
CA ASP A 41 21.42 28.69 22.90
C ASP A 41 21.51 27.31 23.59
N THR A 42 22.09 27.27 24.81
CA THR A 42 22.17 26.01 25.56
C THR A 42 21.67 26.26 27.00
N SER A 43 20.87 27.32 27.19
CA SER A 43 20.45 27.82 28.52
C SER A 43 19.58 26.88 29.38
N ALA A 44 18.90 25.88 28.78
CA ALA A 44 18.09 24.96 29.59
C ALA A 44 18.95 23.89 30.28
N PHE A 45 20.24 23.76 29.88
CA PHE A 45 21.14 22.79 30.49
C PHE A 45 22.28 23.50 31.22
N GLU A 46 22.32 23.32 32.56
CA GLU A 46 23.30 23.93 33.46
C GLU A 46 24.57 23.08 33.48
N GLY A 47 25.31 23.17 32.40
CA GLY A 47 26.53 22.43 32.20
C GLY A 47 26.87 22.37 30.74
N GLY A 48 27.85 21.56 30.44
CA GLY A 48 28.31 21.42 29.07
C GLY A 48 28.10 20.04 28.50
N LYS A 49 28.87 19.79 27.47
CA LYS A 49 28.82 18.56 26.69
C LYS A 49 28.98 17.29 27.54
N GLN A 50 30.03 17.19 28.36
CA GLN A 50 30.26 15.97 29.18
C GLN A 50 29.10 15.65 30.12
N ALA A 51 28.59 16.65 30.86
CA ALA A 51 27.44 16.46 31.77
C ALA A 51 26.19 16.10 30.96
N ALA A 52 26.01 16.73 29.77
CA ALA A 52 24.84 16.45 28.94
C ALA A 52 24.83 15.03 28.37
N LEU A 53 26.01 14.45 28.13
CA LEU A 53 26.10 13.07 27.61
C LEU A 53 25.63 12.09 28.67
N GLU A 54 25.95 12.36 29.96
CA GLU A 54 25.51 11.53 31.09
C GLU A 54 24.00 11.68 31.27
N ALA A 55 23.48 12.92 31.23
CA ALA A 55 22.05 13.22 31.34
C ALA A 55 21.26 12.55 30.19
N LEU A 56 21.84 12.58 28.98
CA LEU A 56 21.23 11.95 27.81
C LEU A 56 21.14 10.44 27.99
N ALA A 57 22.20 9.79 28.54
CA ALA A 57 22.17 8.33 28.77
C ALA A 57 21.02 7.92 29.72
N VAL A 58 20.80 8.73 30.78
CA VAL A 58 19.70 8.51 31.74
C VAL A 58 18.33 8.67 31.02
N LEU A 59 18.18 9.76 30.21
CA LEU A 59 16.92 9.97 29.47
C LEU A 59 16.70 8.85 28.47
N ASN A 60 17.78 8.35 27.84
CA ASN A 60 17.70 7.30 26.83
C ASN A 60 17.21 5.98 27.43
N ARG A 61 17.70 5.64 28.63
CA ARG A 61 17.22 4.46 29.33
C ARG A 61 15.73 4.62 29.69
N ARG A 62 15.30 5.82 30.13
CA ARG A 62 13.88 6.11 30.46
C ARG A 62 13.03 5.95 29.20
N LEU A 63 13.55 6.44 28.06
CA LEU A 63 12.85 6.32 26.77
C LEU A 63 12.63 4.85 26.38
N GLU A 64 13.65 4.01 26.56
CA GLU A 64 13.54 2.58 26.21
C GLU A 64 12.41 1.95 27.03
N LYS A 65 12.35 2.26 28.35
CA LYS A 65 11.29 1.72 29.22
C LYS A 65 9.90 2.27 28.87
N LEU A 66 9.81 3.56 28.48
CA LEU A 66 8.55 4.20 28.07
C LEU A 66 8.04 3.60 26.77
N GLN A 67 8.96 3.28 25.85
CA GLN A 67 8.59 2.63 24.58
C GLN A 67 8.05 1.23 24.90
N GLU A 68 8.69 0.53 25.87
CA GLU A 68 8.27 -0.82 26.26
C GLU A 68 6.82 -0.80 26.77
N LEU A 69 6.50 0.23 27.58
CA LEU A 69 5.17 0.49 28.13
C LEU A 69 4.20 0.80 26.97
N LEU A 70 4.64 1.64 26.03
CA LEU A 70 3.80 2.04 24.89
C LEU A 70 3.38 0.85 24.06
N TYR A 71 4.35 -0.02 23.70
CA TYR A 71 4.14 -1.19 22.86
C TYR A 71 3.26 -2.23 23.55
N ALA A 72 3.52 -2.52 24.85
CA ALA A 72 2.75 -3.51 25.60
C ALA A 72 1.33 -3.05 25.87
N GLU A 73 1.14 -1.78 26.27
CA GLU A 73 -0.19 -1.23 26.50
C GLU A 73 -1.01 -1.23 25.18
N GLY A 74 -0.35 -0.97 24.05
CA GLY A 74 -0.95 -1.01 22.73
C GLY A 74 -2.15 -0.12 22.49
N GLN A 75 -2.19 1.07 23.12
CA GLN A 75 -3.31 1.97 22.94
C GLN A 75 -2.94 3.29 22.27
N HIS A 76 -1.88 3.95 22.74
CA HIS A 76 -1.43 5.24 22.20
C HIS A 76 -0.63 5.07 20.92
N LYS A 77 -0.67 6.08 20.02
CA LYS A 77 0.11 6.13 18.79
C LYS A 77 1.00 7.35 19.01
N VAL A 78 2.31 7.25 18.70
CA VAL A 78 3.20 8.38 18.94
C VAL A 78 3.86 8.77 17.63
N LEU A 79 3.69 10.03 17.24
CA LEU A 79 4.28 10.55 16.02
C LEU A 79 5.27 11.65 16.36
N VAL A 80 6.53 11.45 15.95
CA VAL A 80 7.59 12.42 16.12
C VAL A 80 7.92 12.98 14.73
N VAL A 81 7.76 14.29 14.52
CA VAL A 81 8.06 14.91 13.24
C VAL A 81 9.40 15.64 13.38
N LEU A 82 10.33 15.39 12.45
CA LEU A 82 11.60 16.11 12.43
C LEU A 82 11.69 16.94 11.16
N GLN A 83 11.93 18.25 11.33
CA GLN A 83 12.15 19.16 10.21
C GLN A 83 13.38 19.96 10.54
N ALA A 84 14.19 20.28 9.54
CA ALA A 84 15.41 21.07 9.67
C ALA A 84 15.94 21.43 8.31
N MET A 85 16.80 22.45 8.25
CA MET A 85 17.52 22.78 7.02
C MET A 85 18.45 21.58 6.78
N ASP A 86 18.92 21.40 5.52
CA ASP A 86 19.88 20.33 5.23
C ASP A 86 21.10 20.45 6.17
N ALA A 87 21.55 19.30 6.71
CA ALA A 87 22.65 19.17 7.70
C ALA A 87 22.22 19.66 9.11
N GLY A 88 20.94 19.96 9.28
CA GLY A 88 20.36 20.46 10.53
C GLY A 88 20.23 19.44 11.65
N GLY A 89 20.49 18.17 11.36
CA GLY A 89 20.53 17.11 12.38
C GLY A 89 19.42 16.09 12.44
N LYS A 90 18.61 15.96 11.36
CA LYS A 90 17.49 14.99 11.36
C LYS A 90 18.02 13.54 11.51
N ASP A 91 18.98 13.14 10.66
CA ASP A 91 19.56 11.78 10.70
C ASP A 91 20.25 11.48 12.03
N GLY A 92 21.04 12.44 12.53
CA GLY A 92 21.77 12.33 13.80
C GLY A 92 20.85 12.23 15.02
N THR A 93 19.75 12.99 15.04
CA THR A 93 18.75 12.95 16.13
C THR A 93 18.11 11.54 16.17
N ILE A 94 17.72 10.98 15.01
CA ILE A 94 17.15 9.62 14.99
C ILE A 94 18.15 8.61 15.56
N ARG A 95 19.39 8.68 15.04
CA ARG A 95 20.46 7.77 15.43
C ARG A 95 20.73 7.80 16.93
N VAL A 96 20.85 9.01 17.51
CA VAL A 96 21.25 9.15 18.91
C VAL A 96 20.06 9.03 19.88
N VAL A 97 18.99 9.81 19.63
CA VAL A 97 17.84 9.81 20.54
C VAL A 97 17.19 8.42 20.66
N PHE A 98 17.10 7.67 19.56
CA PHE A 98 16.44 6.37 19.57
C PHE A 98 17.40 5.18 19.70
N ASP A 99 18.65 5.47 20.05
CA ASP A 99 19.68 4.47 20.26
C ASP A 99 19.23 3.45 21.34
N GLY A 100 19.12 2.18 20.95
CA GLY A 100 18.74 1.11 21.88
C GLY A 100 17.23 0.85 21.97
N VAL A 101 16.40 1.71 21.42
CA VAL A 101 14.94 1.52 21.46
C VAL A 101 14.58 0.28 20.62
N ASN A 102 13.73 -0.60 21.17
CA ASN A 102 13.35 -1.82 20.48
C ASN A 102 12.92 -1.56 19.00
N PRO A 103 13.68 -2.14 18.02
CA PRO A 103 13.34 -1.98 16.59
C PRO A 103 11.90 -2.33 16.25
N SER A 104 11.29 -3.27 17.01
CA SER A 104 9.92 -3.70 16.77
C SER A 104 8.84 -2.62 17.02
N GLY A 105 9.15 -1.64 17.88
CA GLY A 105 8.17 -0.60 18.21
C GLY A 105 8.46 0.79 17.70
N VAL A 106 9.59 0.95 16.99
CA VAL A 106 10.02 2.22 16.41
C VAL A 106 10.23 2.07 14.90
N ARG A 107 9.64 2.97 14.14
CA ARG A 107 9.71 2.94 12.69
C ARG A 107 9.98 4.36 12.16
N VAL A 108 10.85 4.45 11.16
CA VAL A 108 11.15 5.75 10.53
C VAL A 108 10.46 5.76 9.18
N ALA A 109 9.77 6.86 8.86
CA ALA A 109 9.22 7.09 7.52
C ALA A 109 9.94 8.35 7.03
N SER A 110 10.68 8.23 5.93
CA SER A 110 11.43 9.35 5.39
C SER A 110 10.69 9.83 4.15
N PHE A 111 10.52 11.14 3.99
CA PHE A 111 9.78 11.67 2.85
C PHE A 111 10.71 12.48 1.94
N GLY A 112 11.01 11.93 0.78
CA GLY A 112 11.87 12.61 -0.19
C GLY A 112 11.02 13.19 -1.30
N VAL A 113 11.66 13.41 -2.46
CA VAL A 113 11.02 13.95 -3.67
CA VAL A 113 11.00 13.97 -3.64
C VAL A 113 9.80 13.08 -4.03
N PRO A 114 8.58 13.66 -4.17
CA PRO A 114 7.42 12.83 -4.54
C PRO A 114 7.55 12.16 -5.91
N THR A 115 7.03 10.94 -6.02
CA THR A 115 7.02 10.21 -7.27
C THR A 115 5.76 10.62 -8.04
N GLU A 116 5.62 10.16 -9.29
CA GLU A 116 4.42 10.40 -10.10
C GLU A 116 3.16 9.82 -9.43
N GLN A 117 3.27 8.64 -8.80
CA GLN A 117 2.14 7.99 -8.11
C GLN A 117 1.69 8.85 -6.92
N GLU A 118 2.67 9.36 -6.14
CA GLU A 118 2.37 10.19 -4.97
C GLU A 118 1.76 11.53 -5.37
N LEU A 119 2.27 12.12 -6.47
CA LEU A 119 1.77 13.41 -6.98
C LEU A 119 0.39 13.24 -7.64
N ALA A 120 -0.01 11.99 -7.99
CA ALA A 120 -1.32 11.71 -8.58
C ALA A 120 -2.46 11.78 -7.56
N ARG A 121 -2.13 11.84 -6.25
CA ARG A 121 -3.13 12.01 -5.18
C ARG A 121 -2.78 13.30 -4.45
N ASP A 122 -3.64 13.75 -3.51
CA ASP A 122 -3.31 14.94 -2.70
C ASP A 122 -1.98 14.71 -1.95
N TYR A 123 -1.29 15.79 -1.57
CA TYR A 123 0.01 15.72 -0.87
C TYR A 123 -0.06 14.99 0.47
N LEU A 124 -1.25 14.93 1.11
CA LEU A 124 -1.35 14.23 2.39
C LEU A 124 -1.48 12.70 2.24
N TRP A 125 -1.85 12.21 1.05
CA TRP A 125 -2.05 10.76 0.82
C TRP A 125 -0.83 9.92 1.22
N ARG A 126 0.37 10.27 0.71
CA ARG A 126 1.58 9.48 1.01
C ARG A 126 1.97 9.60 2.48
N VAL A 127 1.60 10.71 3.13
CA VAL A 127 1.94 10.95 4.52
C VAL A 127 1.01 10.19 5.44
N HIS A 128 -0.30 10.27 5.20
CA HIS A 128 -1.30 9.59 6.03
C HIS A 128 -1.03 8.09 6.03
N GLN A 129 -0.58 7.52 4.90
CA GLN A 129 -0.27 6.10 4.82
C GLN A 129 0.73 5.62 5.93
N GLN A 130 1.66 6.48 6.29
CA GLN A 130 2.75 6.17 7.23
C GLN A 130 2.50 6.45 8.70
N VAL A 131 1.31 6.95 9.06
CA VAL A 131 1.07 7.31 10.45
C VAL A 131 1.26 6.14 11.43
N PRO A 132 1.65 6.40 12.70
CA PRO A 132 1.81 5.27 13.64
C PRO A 132 0.49 4.59 13.94
N ARG A 133 0.56 3.28 14.15
CA ARG A 133 -0.56 2.51 14.61
C ARG A 133 -0.50 2.44 16.15
N LYS A 134 -1.54 1.88 16.78
CA LYS A 134 -1.60 1.73 18.24
C LYS A 134 -0.39 0.92 18.72
N GLY A 135 0.27 1.45 19.77
CA GLY A 135 1.47 0.86 20.38
C GLY A 135 2.77 1.16 19.67
N GLU A 136 2.72 1.95 18.59
CA GLU A 136 3.90 2.24 17.78
C GLU A 136 4.38 3.68 17.91
N LEU A 137 5.71 3.85 17.79
CA LEU A 137 6.33 5.16 17.76
C LEU A 137 6.89 5.35 16.35
N VAL A 138 6.41 6.35 15.62
CA VAL A 138 6.89 6.61 14.26
C VAL A 138 7.62 7.94 14.24
N ILE A 139 8.76 7.98 13.53
CA ILE A 139 9.50 9.22 13.31
C ILE A 139 9.36 9.59 11.83
N PHE A 140 8.89 10.81 11.56
CA PHE A 140 8.83 11.34 10.19
C PHE A 140 10.11 12.12 9.97
N ASN A 141 11.01 11.62 9.10
CA ASN A 141 12.27 12.31 8.74
C ASN A 141 11.84 13.11 7.50
N ARG A 142 11.48 14.39 7.74
CA ARG A 142 10.79 15.30 6.81
CA ARG A 142 10.80 15.29 6.79
C ARG A 142 9.35 14.78 6.85
N SER A 143 8.38 15.53 6.31
CA SER A 143 6.98 15.14 6.49
C SER A 143 6.08 15.92 5.54
N HIS A 144 4.79 16.01 5.89
CA HIS A 144 3.79 16.81 5.16
C HIS A 144 4.18 18.29 5.17
N TYR A 145 5.07 18.73 6.12
CA TYR A 145 5.51 20.14 6.12
C TYR A 145 6.30 20.51 4.88
N GLU A 146 6.88 19.53 4.18
CA GLU A 146 7.63 19.84 2.94
C GLU A 146 6.69 20.50 1.90
N ASP A 147 5.37 20.22 1.99
CA ASP A 147 4.36 20.76 1.07
C ASP A 147 3.99 22.23 1.33
N VAL A 148 4.63 22.86 2.36
CA VAL A 148 4.52 24.31 2.63
C VAL A 148 5.95 24.90 2.79
N LEU A 149 6.98 24.10 2.42
CA LEU A 149 8.39 24.54 2.56
C LEU A 149 9.06 24.60 1.21
N VAL A 150 9.71 23.49 0.76
CA VAL A 150 10.32 23.42 -0.58
C VAL A 150 9.28 23.82 -1.66
N VAL A 151 8.00 23.45 -1.46
CA VAL A 151 6.90 23.77 -2.37
C VAL A 151 6.69 25.29 -2.49
N ARG A 152 6.73 25.99 -1.34
CA ARG A 152 6.58 27.45 -1.31
C ARG A 152 7.85 28.14 -1.87
N VAL A 153 9.04 27.73 -1.36
CA VAL A 153 10.33 28.34 -1.74
C VAL A 153 10.63 28.25 -3.26
N LYS A 154 10.45 27.07 -3.84
CA LYS A 154 10.72 26.78 -5.25
C LYS A 154 9.51 27.03 -6.17
N ASN A 155 8.42 27.60 -5.61
CA ASN A 155 7.18 27.95 -6.35
C ASN A 155 6.64 26.76 -7.17
N LEU A 156 6.60 25.57 -6.56
CA LEU A 156 6.14 24.34 -7.21
C LEU A 156 4.62 24.36 -7.44
N VAL A 157 3.88 25.16 -6.62
CA VAL A 157 2.45 25.46 -6.73
C VAL A 157 2.31 26.96 -6.41
N PRO A 158 1.31 27.69 -6.96
CA PRO A 158 1.18 29.12 -6.62
C PRO A 158 0.84 29.34 -5.13
N GLN A 159 1.06 30.57 -4.60
CA GLN A 159 0.72 30.95 -3.24
C GLN A 159 -0.75 30.62 -2.89
N GLN A 160 -1.70 30.89 -3.81
CA GLN A 160 -3.13 30.62 -3.60
C GLN A 160 -3.36 29.17 -3.15
N VAL A 161 -2.56 28.24 -3.69
CA VAL A 161 -2.62 26.81 -3.37
C VAL A 161 -1.92 26.49 -2.03
N TRP A 162 -0.62 26.83 -1.85
CA TRP A 162 0.06 26.42 -0.61
C TRP A 162 -0.46 27.15 0.63
N GLN A 163 -1.04 28.37 0.51
CA GLN A 163 -1.56 29.11 1.67
CA GLN A 163 -1.57 29.11 1.67
C GLN A 163 -2.72 28.34 2.31
N LYS A 164 -3.51 27.61 1.51
CA LYS A 164 -4.65 26.83 2.04
C LYS A 164 -4.21 25.62 2.86
N ARG A 165 -2.97 25.17 2.66
CA ARG A 165 -2.43 23.96 3.28
C ARG A 165 -2.15 24.10 4.76
N TYR A 166 -2.00 25.31 5.27
CA TYR A 166 -1.78 25.48 6.73
C TYR A 166 -3.05 24.98 7.47
N ARG A 167 -4.24 25.37 6.99
CA ARG A 167 -5.48 24.89 7.58
C ARG A 167 -5.61 23.38 7.39
N HIS A 168 -5.30 22.85 6.17
CA HIS A 168 -5.39 21.38 5.94
C HIS A 168 -4.55 20.63 7.00
N ILE A 169 -3.31 21.11 7.20
CA ILE A 169 -2.35 20.51 8.14
C ILE A 169 -2.86 20.59 9.59
N ARG A 170 -3.32 21.77 10.04
CA ARG A 170 -3.90 21.89 11.40
C ARG A 170 -5.04 20.89 11.60
N GLU A 171 -5.91 20.75 10.60
CA GLU A 171 -7.08 19.90 10.71
C GLU A 171 -6.78 18.41 10.59
N PHE A 172 -5.78 18.05 9.80
CA PHE A 172 -5.31 16.67 9.66
C PHE A 172 -4.71 16.24 11.02
N GLU A 173 -3.86 17.11 11.59
CA GLU A 173 -3.24 16.83 12.90
C GLU A 173 -4.29 16.81 14.02
N ARG A 174 -5.34 17.66 13.92
CA ARG A 174 -6.41 17.66 14.93
C ARG A 174 -7.12 16.32 14.90
N MET A 175 -7.40 15.79 13.68
CA MET A 175 -8.07 14.49 13.51
C MET A 175 -7.18 13.41 14.12
N LEU A 176 -5.88 13.36 13.76
CA LEU A 176 -4.94 12.38 14.33
C LEU A 176 -4.92 12.41 15.84
N ALA A 177 -4.80 13.62 16.44
CA ALA A 177 -4.75 13.78 17.91
C ALA A 177 -6.05 13.34 18.55
N ASP A 178 -7.20 13.78 18.00
CA ASP A 178 -8.51 13.41 18.55
C ASP A 178 -8.69 11.90 18.54
N GLU A 179 -8.13 11.24 17.53
CA GLU A 179 -8.26 9.79 17.37
C GLU A 179 -7.16 8.98 18.10
N GLY A 180 -6.35 9.63 18.93
CA GLY A 180 -5.38 8.91 19.75
C GLY A 180 -3.90 9.06 19.50
N THR A 181 -3.49 9.93 18.56
CA THR A 181 -2.06 10.13 18.30
C THR A 181 -1.49 11.29 19.12
N THR A 182 -0.37 11.02 19.85
CA THR A 182 0.39 12.06 20.55
C THR A 182 1.37 12.58 19.51
N ILE A 183 1.29 13.87 19.19
CA ILE A 183 2.14 14.44 18.13
C ILE A 183 3.18 15.39 18.71
N LEU A 184 4.45 15.19 18.33
CA LEU A 184 5.54 16.07 18.73
C LEU A 184 6.23 16.49 17.46
N LYS A 185 6.34 17.79 17.23
CA LYS A 185 7.02 18.32 16.05
C LYS A 185 8.24 19.10 16.48
N PHE A 186 9.40 18.68 15.97
CA PHE A 186 10.66 19.33 16.34
C PHE A 186 11.28 20.03 15.15
N PHE A 187 11.54 21.33 15.31
CA PHE A 187 12.27 22.07 14.27
C PHE A 187 13.70 22.19 14.81
N LEU A 188 14.64 21.50 14.17
CA LEU A 188 16.04 21.51 14.59
C LEU A 188 16.68 22.72 13.95
N HIS A 189 16.91 23.74 14.76
CA HIS A 189 17.31 25.06 14.31
C HIS A 189 18.83 25.30 14.33
N ILE A 190 19.44 25.37 13.15
CA ILE A 190 20.87 25.63 13.00
C ILE A 190 21.06 27.00 12.31
N SER A 191 22.21 27.65 12.54
CA SER A 191 22.51 28.92 11.92
C SER A 191 23.07 28.68 10.52
N LYS A 192 23.11 29.73 9.70
CA LYS A 192 23.61 29.68 8.32
C LYS A 192 25.09 29.30 8.32
N ASP A 193 25.90 29.89 9.23
CA ASP A 193 27.32 29.59 9.28
CA ASP A 193 27.34 29.61 9.34
C ASP A 193 27.56 28.16 9.73
N GLU A 194 26.73 27.65 10.65
CA GLU A 194 26.87 26.25 11.09
C GLU A 194 26.59 25.32 9.88
N GLN A 195 25.54 25.62 9.10
CA GLN A 195 25.22 24.78 7.93
C GLN A 195 26.40 24.76 6.96
N ARG A 196 27.03 25.93 6.73
CA ARG A 196 28.20 26.04 5.85
C ARG A 196 29.32 25.09 6.30
N GLN A 197 29.64 25.08 7.60
CA GLN A 197 30.69 24.22 8.18
C GLN A 197 30.33 22.75 8.02
N ARG A 198 29.05 22.40 8.26
CA ARG A 198 28.58 21.03 8.13
C ARG A 198 28.59 20.53 6.70
N LEU A 199 28.21 21.36 5.74
CA LEU A 199 28.21 20.97 4.32
C LEU A 199 29.61 20.77 3.81
N GLN A 200 30.55 21.62 4.28
CA GLN A 200 31.96 21.51 3.95
C GLN A 200 32.54 20.21 4.54
N GLU A 201 32.19 19.88 5.80
CA GLU A 201 32.63 18.66 6.49
C GLU A 201 32.08 17.41 5.76
N ARG A 202 30.83 17.49 5.27
CA ARG A 202 30.15 16.42 4.51
C ARG A 202 30.95 16.12 3.23
N LEU A 203 31.39 17.18 2.54
CA LEU A 203 32.19 17.13 1.32
C LEU A 203 33.59 16.54 1.58
N ASP A 204 34.25 16.94 2.69
CA ASP A 204 35.61 16.53 3.04
C ASP A 204 35.71 15.14 3.73
N ASN A 205 34.57 14.55 4.12
CA ASN A 205 34.55 13.24 4.77
C ASN A 205 34.19 12.18 3.71
N PRO A 206 35.11 11.21 3.45
CA PRO A 206 34.82 10.19 2.43
C PRO A 206 33.66 9.25 2.78
N GLU A 207 33.30 9.17 4.09
CA GLU A 207 32.20 8.35 4.56
C GLU A 207 30.87 9.15 4.63
N LYS A 208 30.92 10.46 4.32
CA LYS A 208 29.73 11.33 4.35
C LYS A 208 29.42 12.00 3.01
N ARG A 209 30.43 12.03 2.10
CA ARG A 209 30.38 12.62 0.75
C ARG A 209 29.15 12.20 -0.06
N TRP A 210 28.67 10.96 0.16
CA TRP A 210 27.49 10.40 -0.51
C TRP A 210 26.18 11.17 -0.22
N LYS A 211 26.08 11.84 0.94
CA LYS A 211 24.91 12.63 1.35
C LYS A 211 24.84 13.93 0.56
N PHE A 212 26.00 14.42 0.08
CA PHE A 212 26.05 15.67 -0.67
C PHE A 212 25.64 15.51 -2.12
N ARG A 213 24.72 16.37 -2.52
CA ARG A 213 24.17 16.52 -3.87
C ARG A 213 24.39 17.98 -4.31
N MET A 214 24.49 18.22 -5.63
CA MET A 214 24.69 19.57 -6.18
C MET A 214 23.54 20.52 -5.86
N GLY A 215 22.32 19.96 -5.79
CA GLY A 215 21.08 20.67 -5.47
C GLY A 215 21.05 21.27 -4.08
N ASP A 216 21.93 20.80 -3.17
CA ASP A 216 22.05 21.29 -1.80
C ASP A 216 22.66 22.71 -1.78
N LEU A 217 23.42 23.08 -2.83
CA LEU A 217 23.99 24.42 -2.93
C LEU A 217 22.90 25.41 -3.33
N GLU A 218 21.97 24.99 -4.20
CA GLU A 218 20.82 25.79 -4.62
C GLU A 218 19.88 26.01 -3.42
N ASP A 219 19.70 24.97 -2.57
CA ASP A 219 18.89 25.06 -1.35
C ASP A 219 19.51 26.01 -0.33
N ARG A 220 20.85 26.04 -0.30
CA ARG A 220 21.64 26.91 0.58
C ARG A 220 21.55 28.39 0.09
N ARG A 221 21.55 28.60 -1.24
CA ARG A 221 21.39 29.94 -1.84
C ARG A 221 20.05 30.57 -1.39
N LEU A 222 19.03 29.74 -1.21
CA LEU A 222 17.66 30.08 -0.79
C LEU A 222 17.46 30.05 0.75
N TRP A 223 18.55 30.05 1.55
CA TRP A 223 18.53 30.01 3.02
C TRP A 223 17.44 30.93 3.61
N ASP A 224 17.49 32.23 3.31
CA ASP A 224 16.52 33.23 3.82
C ASP A 224 15.08 32.89 3.47
N ARG A 225 14.82 32.39 2.25
CA ARG A 225 13.46 32.02 1.85
C ARG A 225 12.98 30.83 2.66
N TYR A 226 13.87 29.88 2.95
CA TYR A 226 13.50 28.71 3.77
C TYR A 226 13.21 29.10 5.21
N GLN A 227 14.00 30.02 5.78
CA GLN A 227 13.81 30.49 7.18
C GLN A 227 12.42 31.15 7.28
N GLU A 228 12.08 32.00 6.31
CA GLU A 228 10.75 32.65 6.23
C GLU A 228 9.65 31.58 6.15
N ALA A 229 9.87 30.54 5.30
CA ALA A 229 8.88 29.46 5.08
C ALA A 229 8.68 28.66 6.37
N TYR A 230 9.77 28.42 7.11
CA TYR A 230 9.71 27.70 8.38
C TYR A 230 8.97 28.54 9.42
N GLU A 231 9.29 29.84 9.50
CA GLU A 231 8.65 30.70 10.47
C GLU A 231 7.13 30.72 10.22
N ALA A 232 6.71 30.89 8.95
CA ALA A 232 5.28 30.91 8.62
C ALA A 232 4.62 29.57 8.93
N ALA A 233 5.29 28.41 8.58
CA ALA A 233 4.69 27.09 8.85
C ALA A 233 4.52 26.86 10.36
N ILE A 234 5.54 27.22 11.16
CA ILE A 234 5.48 27.02 12.61
C ILE A 234 4.41 27.89 13.23
N ARG A 235 4.36 29.18 12.85
CA ARG A 235 3.39 30.13 13.37
C ARG A 235 1.96 29.64 13.07
N GLU A 236 1.75 29.13 11.86
CA GLU A 236 0.42 28.69 11.43
C GLU A 236 -0.05 27.38 12.01
N THR A 237 0.89 26.48 12.36
CA THR A 237 0.49 25.11 12.72
C THR A 237 0.86 24.65 14.13
N SER A 238 1.52 25.50 14.92
CA SER A 238 1.81 25.09 16.29
C SER A 238 0.51 25.26 17.08
N THR A 239 -0.08 24.14 17.53
CA THR A 239 -1.35 24.14 18.24
C THR A 239 -1.17 23.42 19.58
N GLU A 240 -2.21 23.42 20.43
CA GLU A 240 -2.17 22.75 21.74
C GLU A 240 -2.08 21.23 21.56
N TYR A 241 -2.78 20.68 20.54
CA TYR A 241 -2.80 19.25 20.28
C TYR A 241 -1.61 18.78 19.41
N ALA A 242 -0.91 19.70 18.75
CA ALA A 242 0.24 19.33 17.90
C ALA A 242 1.26 20.48 17.99
N PRO A 243 1.98 20.56 19.13
CA PRO A 243 2.93 21.68 19.29
C PRO A 243 4.20 21.53 18.47
N TRP A 244 4.75 22.66 18.09
CA TRP A 244 6.09 22.72 17.52
C TRP A 244 7.01 23.06 18.68
N TYR A 245 8.20 22.47 18.68
CA TYR A 245 9.29 22.78 19.60
C TYR A 245 10.44 23.22 18.73
N VAL A 246 11.00 24.40 19.04
CA VAL A 246 12.16 24.93 18.31
C VAL A 246 13.37 24.50 19.11
N ILE A 247 14.22 23.69 18.50
CA ILE A 247 15.40 23.12 19.16
C ILE A 247 16.68 23.82 18.71
N PRO A 248 17.36 24.62 19.57
CA PRO A 248 18.68 25.16 19.18
C PRO A 248 19.58 23.96 18.89
N ALA A 249 20.08 23.85 17.64
CA ALA A 249 20.71 22.61 17.23
C ALA A 249 22.12 22.76 16.68
N ASN A 250 22.78 23.90 16.92
CA ASN A 250 24.19 24.05 16.54
C ASN A 250 25.09 23.11 17.34
N LYS A 251 24.67 22.79 18.59
CA LYS A 251 25.39 21.85 19.47
C LYS A 251 24.58 20.57 19.47
N ASN A 252 25.13 19.50 18.85
CA ASN A 252 24.45 18.21 18.77
C ASN A 252 24.16 17.63 20.15
N TRP A 253 25.11 17.78 21.08
CA TRP A 253 24.90 17.31 22.45
C TRP A 253 23.66 17.94 23.08
N TYR A 254 23.43 19.24 22.83
CA TYR A 254 22.29 19.96 23.39
C TYR A 254 21.01 19.55 22.68
N ARG A 255 21.07 19.48 21.35
CA ARG A 255 19.95 19.04 20.52
C ARG A 255 19.44 17.67 20.96
N ASN A 256 20.35 16.69 21.09
CA ASN A 256 19.98 15.33 21.47
C ASN A 256 19.38 15.27 22.88
N TRP A 257 20.01 15.99 23.83
CA TRP A 257 19.53 16.03 25.21
C TRP A 257 18.12 16.65 25.27
N LEU A 258 17.92 17.81 24.64
CA LEU A 258 16.64 18.54 24.68
C LEU A 258 15.50 17.79 24.02
N VAL A 259 15.76 17.18 22.85
CA VAL A 259 14.75 16.36 22.15
C VAL A 259 14.35 15.19 23.06
N SER A 260 15.36 14.49 23.64
CA SER A 260 15.11 13.33 24.52
C SER A 260 14.31 13.80 25.74
N HIS A 261 14.68 14.93 26.37
CA HIS A 261 13.96 15.46 27.53
C HIS A 261 12.46 15.69 27.22
N ILE A 262 12.15 16.40 26.13
CA ILE A 262 10.78 16.72 25.75
C ILE A 262 10.00 15.44 25.43
N LEU A 263 10.62 14.51 24.66
CA LEU A 263 9.96 13.25 24.29
C LEU A 263 9.63 12.42 25.56
N VAL A 264 10.61 12.28 26.45
CA VAL A 264 10.41 11.49 27.68
C VAL A 264 9.31 12.09 28.54
N GLU A 265 9.33 13.42 28.72
CA GLU A 265 8.33 14.12 29.53
C GLU A 265 6.93 13.92 28.92
N THR A 266 6.82 14.00 27.59
CA THR A 266 5.54 13.79 26.93
C THR A 266 5.03 12.36 27.16
N LEU A 267 5.88 11.35 26.95
CA LEU A 267 5.52 9.95 27.14
C LEU A 267 5.15 9.65 28.58
N GLU A 268 5.88 10.25 29.57
CA GLU A 268 5.56 10.07 31.00
C GLU A 268 4.16 10.62 31.31
N GLY A 269 3.80 11.74 30.68
CA GLY A 269 2.49 12.38 30.86
C GLY A 269 1.30 11.56 30.38
N LEU A 270 1.56 10.50 29.59
CA LEU A 270 0.50 9.62 29.10
C LEU A 270 0.03 8.64 30.17
N ALA A 271 0.83 8.44 31.24
CA ALA A 271 0.52 7.56 32.39
C ALA A 271 0.17 6.15 31.93
N MET A 272 1.03 5.58 31.07
CA MET A 272 0.80 4.24 30.47
C MET A 272 1.04 3.14 31.50
N GLN A 273 0.45 1.96 31.29
CA GLN A 273 0.61 0.83 32.21
C GLN A 273 0.61 -0.47 31.43
N TYR A 274 1.36 -1.46 31.90
CA TYR A 274 1.38 -2.80 31.31
C TYR A 274 -0.02 -3.40 31.49
N PRO A 275 -0.62 -4.03 30.45
CA PRO A 275 -1.97 -4.61 30.62
C PRO A 275 -2.08 -5.64 31.73
N GLN A 276 -3.28 -5.69 32.34
CA GLN A 276 -3.71 -6.55 33.45
C GLN A 276 -3.31 -8.01 33.28
N MET B 21 -34.13 20.33 -10.32
CA MET B 21 -33.14 19.33 -9.89
C MET B 21 -32.26 19.83 -8.72
N LYS B 22 -32.21 21.19 -8.47
CA LYS B 22 -31.43 21.87 -7.40
C LYS B 22 -32.08 21.62 -6.04
N LYS B 23 -33.35 21.20 -6.06
CA LYS B 23 -34.13 20.87 -4.88
C LYS B 23 -33.49 19.71 -4.08
N TYR B 24 -32.64 18.89 -4.72
CA TYR B 24 -32.02 17.72 -4.08
C TYR B 24 -30.66 18.01 -3.44
N ARG B 25 -30.05 19.15 -3.79
CA ARG B 25 -28.76 19.56 -3.20
C ARG B 25 -29.01 20.12 -1.80
N VAL B 26 -28.32 19.57 -0.78
CA VAL B 26 -28.48 20.05 0.59
C VAL B 26 -27.61 21.31 0.77
N GLN B 27 -28.26 22.48 0.96
CA GLN B 27 -27.55 23.75 1.12
C GLN B 27 -26.69 23.75 2.38
N PRO B 28 -25.51 24.42 2.37
CA PRO B 28 -24.66 24.39 3.57
C PRO B 28 -25.06 25.36 4.68
N ASP B 29 -26.36 25.38 5.04
CA ASP B 29 -26.89 26.28 6.07
C ASP B 29 -27.13 25.57 7.42
N GLY B 30 -26.82 24.26 7.48
CA GLY B 30 -27.00 23.43 8.66
C GLY B 30 -28.45 23.32 9.14
N ARG B 31 -29.43 23.48 8.22
CA ARG B 31 -30.87 23.45 8.54
C ARG B 31 -31.60 22.26 7.87
N PHE B 32 -30.86 21.30 7.30
CA PHE B 32 -31.42 20.12 6.62
C PHE B 32 -32.35 19.30 7.50
N GLU B 33 -33.52 18.93 6.94
CA GLU B 33 -34.51 18.08 7.59
C GLU B 33 -34.85 16.95 6.62
N LEU B 34 -34.52 15.70 7.00
CA LEU B 34 -34.77 14.52 6.17
C LEU B 34 -36.25 14.30 5.88
N LYS B 35 -37.14 14.68 6.82
CA LYS B 35 -38.60 14.53 6.65
C LYS B 35 -39.16 15.29 5.43
N ARG B 36 -38.42 16.29 4.93
CA ARG B 36 -38.83 17.08 3.76
C ARG B 36 -38.59 16.36 2.43
N PHE B 37 -37.91 15.20 2.46
CA PHE B 37 -37.64 14.41 1.26
C PHE B 37 -38.43 13.10 1.33
N ASP B 38 -39.27 12.89 0.34
CA ASP B 38 -40.12 11.69 0.24
C ASP B 38 -39.43 10.66 -0.68
N PRO B 39 -39.13 9.42 -0.19
CA PRO B 39 -38.55 8.38 -1.07
C PRO B 39 -39.32 8.07 -2.37
N ASP B 40 -40.62 8.35 -2.39
CA ASP B 40 -41.49 8.10 -3.58
C ASP B 40 -41.62 9.30 -4.53
N ASP B 41 -40.93 10.39 -4.22
CA ASP B 41 -40.95 11.61 -5.04
C ASP B 41 -40.24 11.38 -6.41
N THR B 42 -40.94 11.69 -7.53
CA THR B 42 -40.33 11.57 -8.86
C THR B 42 -40.57 12.88 -9.65
N SER B 43 -40.78 13.99 -8.92
CA SER B 43 -41.22 15.29 -9.50
C SER B 43 -40.20 15.98 -10.44
N ALA B 44 -38.90 15.62 -10.42
CA ALA B 44 -37.93 16.26 -11.34
C ALA B 44 -38.01 15.64 -12.75
N PHE B 45 -38.70 14.49 -12.91
CA PHE B 45 -38.83 13.82 -14.20
C PHE B 45 -40.29 13.78 -14.65
N GLU B 46 -40.55 14.42 -15.80
CA GLU B 46 -41.89 14.54 -16.37
C GLU B 46 -42.19 13.32 -17.20
N GLY B 47 -42.43 12.22 -16.51
CA GLY B 47 -42.70 10.93 -17.13
C GLY B 47 -42.48 9.78 -16.17
N GLY B 48 -42.49 8.58 -16.70
CA GLY B 48 -42.31 7.38 -15.89
C GLY B 48 -41.11 6.57 -16.31
N LYS B 49 -41.09 5.29 -15.90
CA LYS B 49 -40.03 4.32 -16.11
C LYS B 49 -39.57 4.24 -17.55
N GLN B 50 -40.51 4.04 -18.50
CA GLN B 50 -40.12 3.87 -19.90
C GLN B 50 -39.38 5.09 -20.48
N ALA B 51 -39.91 6.32 -20.28
CA ALA B 51 -39.27 7.54 -20.75
C ALA B 51 -37.94 7.75 -20.00
N ALA B 52 -37.91 7.44 -18.69
CA ALA B 52 -36.68 7.61 -17.91
C ALA B 52 -35.55 6.68 -18.35
N LEU B 53 -35.89 5.47 -18.86
CA LEU B 53 -34.89 4.52 -19.34
C LEU B 53 -34.20 5.08 -20.56
N GLU B 54 -34.96 5.72 -21.47
CA GLU B 54 -34.44 6.35 -22.68
C GLU B 54 -33.58 7.57 -22.30
N ALA B 55 -34.07 8.42 -21.36
CA ALA B 55 -33.33 9.60 -20.89
C ALA B 55 -32.01 9.17 -20.21
N LEU B 56 -32.06 8.07 -19.45
CA LEU B 56 -30.89 7.51 -18.76
C LEU B 56 -29.86 7.05 -19.78
N ALA B 57 -30.29 6.39 -20.90
CA ALA B 57 -29.35 5.92 -21.92
C ALA B 57 -28.59 7.09 -22.56
N VAL B 58 -29.26 8.23 -22.78
CA VAL B 58 -28.66 9.44 -23.35
C VAL B 58 -27.62 10.01 -22.34
N LEU B 59 -27.99 10.10 -21.06
CA LEU B 59 -27.07 10.57 -20.01
C LEU B 59 -25.88 9.63 -19.87
N ASN B 60 -26.15 8.31 -19.95
CA ASN B 60 -25.10 7.29 -19.81
C ASN B 60 -24.05 7.43 -20.95
N ARG B 61 -24.50 7.67 -22.18
CA ARG B 61 -23.55 7.86 -23.30
C ARG B 61 -22.73 9.14 -23.07
N ARG B 62 -23.37 10.22 -22.55
CA ARG B 62 -22.65 11.46 -22.21
C ARG B 62 -21.61 11.20 -21.12
N LEU B 63 -21.97 10.38 -20.11
CA LEU B 63 -21.05 10.03 -19.02
C LEU B 63 -19.83 9.26 -19.54
N GLU B 64 -20.07 8.29 -20.45
CA GLU B 64 -18.98 7.52 -21.07
C GLU B 64 -17.99 8.45 -21.76
N LYS B 65 -18.47 9.46 -22.51
CA LYS B 65 -17.60 10.44 -23.19
C LYS B 65 -16.89 11.36 -22.19
N LEU B 66 -17.58 11.81 -21.13
CA LEU B 66 -16.96 12.65 -20.09
C LEU B 66 -15.87 11.88 -19.34
N GLN B 67 -16.07 10.56 -19.11
CA GLN B 67 -15.03 9.78 -18.42
C GLN B 67 -13.78 9.68 -19.32
N GLU B 68 -13.96 9.44 -20.62
CA GLU B 68 -12.83 9.31 -21.55
C GLU B 68 -12.01 10.62 -21.56
N LEU B 69 -12.69 11.75 -21.48
CA LEU B 69 -12.11 13.09 -21.39
C LEU B 69 -11.41 13.33 -20.04
N LEU B 70 -12.06 12.95 -18.94
CA LEU B 70 -11.45 13.05 -17.59
C LEU B 70 -10.10 12.31 -17.58
N TYR B 71 -10.09 11.09 -18.11
CA TYR B 71 -8.91 10.23 -18.16
C TYR B 71 -7.83 10.83 -19.07
N ALA B 72 -8.21 11.30 -20.29
CA ALA B 72 -7.27 11.90 -21.26
C ALA B 72 -6.63 13.17 -20.70
N GLU B 73 -7.44 14.07 -20.11
CA GLU B 73 -6.93 15.32 -19.53
C GLU B 73 -5.99 15.02 -18.33
N GLY B 74 -6.32 14.00 -17.56
CA GLY B 74 -5.49 13.51 -16.46
C GLY B 74 -5.17 14.52 -15.37
N GLN B 75 -6.09 15.47 -15.09
CA GLN B 75 -5.87 16.49 -14.08
C GLN B 75 -6.84 16.39 -12.91
N HIS B 76 -8.14 16.29 -13.19
CA HIS B 76 -9.18 16.22 -12.16
C HIS B 76 -9.26 14.82 -11.54
N LYS B 77 -9.67 14.74 -10.29
CA LYS B 77 -9.92 13.49 -9.56
C LYS B 77 -11.44 13.59 -9.25
N VAL B 78 -12.19 12.49 -9.42
CA VAL B 78 -13.63 12.56 -9.17
C VAL B 78 -14.00 11.51 -8.14
N LEU B 79 -14.63 11.95 -7.04
CA LEU B 79 -15.06 11.03 -5.98
C LEU B 79 -16.55 11.05 -5.85
N VAL B 80 -17.17 9.89 -6.03
CA VAL B 80 -18.60 9.72 -5.87
C VAL B 80 -18.83 8.88 -4.61
N VAL B 81 -19.51 9.41 -3.61
CA VAL B 81 -19.77 8.70 -2.37
C VAL B 81 -21.22 8.21 -2.42
N LEU B 82 -21.45 6.93 -2.12
CA LEU B 82 -22.81 6.37 -2.05
C LEU B 82 -23.07 5.89 -0.64
N GLN B 83 -24.13 6.42 -0.02
CA GLN B 83 -24.58 5.98 1.31
C GLN B 83 -26.08 5.71 1.18
N ALA B 84 -26.55 4.69 1.91
CA ALA B 84 -27.97 4.31 1.94
C ALA B 84 -28.16 3.28 3.03
N MET B 85 -29.42 3.09 3.42
CA MET B 85 -29.77 1.99 4.34
C MET B 85 -29.56 0.72 3.53
N ASP B 86 -29.43 -0.45 4.21
CA ASP B 86 -29.28 -1.75 3.54
CA ASP B 86 -29.27 -1.72 3.49
C ASP B 86 -30.42 -1.90 2.51
N ALA B 87 -30.09 -2.37 1.27
CA ALA B 87 -31.02 -2.55 0.14
C ALA B 87 -31.48 -1.21 -0.49
N GLY B 88 -30.88 -0.11 -0.05
CA GLY B 88 -31.18 1.24 -0.51
C GLY B 88 -30.74 1.58 -1.93
N GLY B 89 -29.97 0.70 -2.56
CA GLY B 89 -29.60 0.82 -3.96
C GLY B 89 -28.16 1.16 -4.31
N LYS B 90 -27.22 1.01 -3.36
CA LYS B 90 -25.80 1.30 -3.62
C LYS B 90 -25.23 0.42 -4.76
N ASP B 91 -25.42 -0.91 -4.65
CA ASP B 91 -24.89 -1.85 -5.66
C ASP B 91 -25.51 -1.62 -7.05
N GLY B 92 -26.83 -1.44 -7.08
CA GLY B 92 -27.61 -1.21 -8.30
C GLY B 92 -27.25 0.10 -8.99
N THR B 93 -27.00 1.18 -8.22
CA THR B 93 -26.60 2.48 -8.76
C THR B 93 -25.25 2.35 -9.46
N ILE B 94 -24.28 1.67 -8.82
CA ILE B 94 -22.96 1.47 -9.45
C ILE B 94 -23.14 0.71 -10.78
N ARG B 95 -23.87 -0.40 -10.72
CA ARG B 95 -24.10 -1.26 -11.88
C ARG B 95 -24.76 -0.50 -13.03
N VAL B 96 -25.82 0.29 -12.76
CA VAL B 96 -26.57 0.94 -13.84
C VAL B 96 -25.94 2.26 -14.27
N VAL B 97 -25.68 3.16 -13.33
CA VAL B 97 -25.13 4.47 -13.66
C VAL B 97 -23.78 4.37 -14.42
N PHE B 98 -22.94 3.43 -14.03
CA PHE B 98 -21.60 3.31 -14.64
C PHE B 98 -21.52 2.23 -15.72
N ASP B 99 -22.69 1.73 -16.16
CA ASP B 99 -22.79 0.73 -17.23
C ASP B 99 -22.11 1.26 -18.50
N GLY B 100 -21.08 0.54 -18.96
CA GLY B 100 -20.34 0.89 -20.17
C GLY B 100 -19.21 1.88 -19.97
N VAL B 101 -19.06 2.43 -18.76
CA VAL B 101 -17.98 3.38 -18.49
C VAL B 101 -16.68 2.59 -18.43
N ASN B 102 -15.66 3.05 -19.16
CA ASN B 102 -14.39 2.35 -19.30
C ASN B 102 -13.77 1.94 -17.93
N PRO B 103 -13.57 0.61 -17.69
CA PRO B 103 -12.98 0.14 -16.41
C PRO B 103 -11.61 0.74 -16.13
N SER B 104 -10.88 1.18 -17.20
CA SER B 104 -9.57 1.79 -17.01
C SER B 104 -9.63 3.09 -16.19
N GLY B 105 -10.75 3.79 -16.21
CA GLY B 105 -10.87 5.05 -15.50
C GLY B 105 -11.88 5.09 -14.36
N VAL B 106 -12.54 3.97 -14.07
CA VAL B 106 -13.54 3.86 -12.99
CA VAL B 106 -13.54 3.89 -13.00
C VAL B 106 -13.19 2.74 -12.03
N ARG B 107 -13.18 3.05 -10.72
CA ARG B 107 -12.83 2.10 -9.68
C ARG B 107 -13.79 2.22 -8.51
N VAL B 108 -14.17 1.11 -7.94
CA VAL B 108 -15.05 1.09 -6.77
C VAL B 108 -14.21 0.71 -5.56
N ALA B 109 -14.38 1.44 -4.45
CA ALA B 109 -13.77 1.07 -3.17
C ALA B 109 -14.95 0.84 -2.24
N SER B 110 -15.10 -0.37 -1.72
CA SER B 110 -16.20 -0.70 -0.81
C SER B 110 -15.65 -0.75 0.60
N PHE B 111 -16.38 -0.18 1.55
CA PHE B 111 -15.89 -0.14 2.94
C PHE B 111 -16.83 -0.94 3.82
N GLY B 112 -16.35 -2.08 4.30
CA GLY B 112 -17.13 -2.93 5.19
C GLY B 112 -16.64 -2.79 6.60
N VAL B 113 -16.89 -3.82 7.42
CA VAL B 113 -16.47 -3.88 8.82
C VAL B 113 -14.94 -3.65 8.93
N PRO B 114 -14.47 -2.68 9.73
CA PRO B 114 -13.01 -2.47 9.84
C PRO B 114 -12.26 -3.67 10.42
N THR B 115 -11.07 -3.93 9.89
CA THR B 115 -10.22 -5.01 10.39
C THR B 115 -9.42 -4.46 11.59
N GLU B 116 -8.65 -5.33 12.28
CA GLU B 116 -7.81 -4.91 13.41
C GLU B 116 -6.72 -3.92 12.93
N GLN B 117 -6.13 -4.15 11.73
CA GLN B 117 -5.13 -3.26 11.16
C GLN B 117 -5.73 -1.85 10.89
N GLU B 118 -6.96 -1.81 10.36
CA GLU B 118 -7.63 -0.55 10.06
C GLU B 118 -7.99 0.19 11.33
N LEU B 119 -8.47 -0.55 12.36
CA LEU B 119 -8.82 0.02 13.67
C LEU B 119 -7.58 0.49 14.45
N ALA B 120 -6.39 0.01 14.08
CA ALA B 120 -5.13 0.38 14.74
C ALA B 120 -4.64 1.78 14.30
N ARG B 121 -5.26 2.37 13.24
CA ARG B 121 -4.97 3.73 12.79
C ARG B 121 -6.27 4.50 12.90
N ASP B 122 -6.24 5.82 12.71
CA ASP B 122 -7.46 6.63 12.73
C ASP B 122 -8.44 6.09 11.65
N TYR B 123 -9.74 6.32 11.84
CA TYR B 123 -10.78 5.84 10.91
C TYR B 123 -10.61 6.38 9.47
N LEU B 124 -9.92 7.53 9.29
CA LEU B 124 -9.72 8.06 7.93
C LEU B 124 -8.58 7.39 7.16
N TRP B 125 -7.68 6.70 7.85
CA TRP B 125 -6.53 6.03 7.23
C TRP B 125 -6.94 5.10 6.07
N ARG B 126 -7.84 4.16 6.32
CA ARG B 126 -8.25 3.20 5.28
C ARG B 126 -9.02 3.89 4.14
N VAL B 127 -9.66 5.02 4.45
CA VAL B 127 -10.45 5.74 3.46
C VAL B 127 -9.55 6.56 2.56
N HIS B 128 -8.62 7.33 3.16
CA HIS B 128 -7.72 8.19 2.42
C HIS B 128 -6.91 7.35 1.43
N GLN B 129 -6.50 6.10 1.80
CA GLN B 129 -5.78 5.18 0.92
CA GLN B 129 -5.75 5.22 0.90
C GLN B 129 -6.44 5.05 -0.46
N GLN B 130 -7.78 5.03 -0.48
CA GLN B 130 -8.59 4.76 -1.67
C GLN B 130 -9.06 5.94 -2.51
N VAL B 131 -8.65 7.17 -2.16
CA VAL B 131 -9.12 8.33 -2.90
C VAL B 131 -8.76 8.28 -4.39
N PRO B 132 -9.56 8.90 -5.28
CA PRO B 132 -9.18 8.86 -6.72
C PRO B 132 -7.88 9.58 -6.99
N ARG B 133 -7.12 9.06 -7.93
CA ARG B 133 -5.91 9.71 -8.43
C ARG B 133 -6.32 10.61 -9.64
N LYS B 134 -5.39 11.42 -10.15
CA LYS B 134 -5.65 12.30 -11.31
C LYS B 134 -6.11 11.47 -12.51
N GLY B 135 -7.18 11.93 -13.14
CA GLY B 135 -7.80 11.28 -14.30
C GLY B 135 -8.71 10.11 -13.98
N GLU B 136 -8.93 9.84 -12.68
CA GLU B 136 -9.71 8.69 -12.24
C GLU B 136 -11.04 9.09 -11.59
N LEU B 137 -12.06 8.24 -11.77
CA LEU B 137 -13.36 8.39 -11.13
C LEU B 137 -13.49 7.23 -10.13
N VAL B 138 -13.62 7.55 -8.84
CA VAL B 138 -13.76 6.51 -7.83
C VAL B 138 -15.13 6.60 -7.20
N ILE B 139 -15.76 5.44 -7.00
CA ILE B 139 -17.02 5.35 -6.28
C ILE B 139 -16.75 4.69 -4.91
N PHE B 140 -17.17 5.38 -3.82
CA PHE B 140 -17.08 4.80 -2.48
C PHE B 140 -18.44 4.15 -2.21
N ASN B 141 -18.47 2.83 -2.14
CA ASN B 141 -19.67 2.06 -1.79
C ASN B 141 -19.60 1.93 -0.26
N ARG B 142 -20.27 2.84 0.45
CA ARG B 142 -20.10 3.11 1.88
C ARG B 142 -18.78 3.90 1.95
N SER B 143 -18.45 4.52 3.08
CA SER B 143 -17.30 5.43 3.11
C SER B 143 -16.94 5.79 4.54
N HIS B 144 -16.19 6.88 4.69
CA HIS B 144 -15.82 7.46 5.99
C HIS B 144 -17.08 7.86 6.79
N TYR B 145 -18.25 8.04 6.11
CA TYR B 145 -19.51 8.37 6.82
C TYR B 145 -19.96 7.26 7.74
N GLU B 146 -19.51 6.01 7.51
CA GLU B 146 -19.87 4.90 8.41
C GLU B 146 -19.38 5.19 9.85
N ASP B 147 -18.31 5.98 9.98
CA ASP B 147 -17.71 6.32 11.27
C ASP B 147 -18.51 7.40 12.07
N VAL B 148 -19.64 7.87 11.52
CA VAL B 148 -20.60 8.76 12.22
C VAL B 148 -22.03 8.17 12.05
N LEU B 149 -22.12 6.93 11.55
CA LEU B 149 -23.41 6.25 11.32
C LEU B 149 -23.55 5.04 12.21
N VAL B 150 -23.10 3.85 11.74
CA VAL B 150 -23.11 2.62 12.55
C VAL B 150 -22.36 2.86 13.86
N VAL B 151 -21.30 3.68 13.84
CA VAL B 151 -20.56 3.99 15.06
C VAL B 151 -21.43 4.75 16.08
N ARG B 152 -22.23 5.71 15.62
CA ARG B 152 -23.13 6.51 16.45
C ARG B 152 -24.31 5.65 16.95
N VAL B 153 -24.95 4.88 16.04
CA VAL B 153 -26.12 4.05 16.33
C VAL B 153 -25.80 2.92 17.34
N LYS B 154 -24.69 2.19 17.09
CA LYS B 154 -24.27 1.06 17.93
C LYS B 154 -23.35 1.44 19.10
N ASN B 155 -23.14 2.77 19.30
CA ASN B 155 -22.31 3.36 20.36
C ASN B 155 -20.91 2.69 20.41
N LEU B 156 -20.26 2.54 19.25
CA LEU B 156 -18.95 1.90 19.13
C LEU B 156 -17.82 2.75 19.74
N VAL B 157 -18.06 4.09 19.87
CA VAL B 157 -17.21 5.09 20.54
C VAL B 157 -18.21 6.09 21.22
N PRO B 158 -17.86 6.81 22.33
CA PRO B 158 -18.85 7.73 22.93
C PRO B 158 -19.16 8.96 22.06
N GLN B 159 -20.33 9.61 22.32
CA GLN B 159 -20.77 10.83 21.63
CA GLN B 159 -20.78 10.84 21.65
C GLN B 159 -19.59 11.82 21.58
N GLN B 160 -18.81 11.90 22.70
CA GLN B 160 -17.61 12.76 22.85
C GLN B 160 -16.61 12.58 21.69
N VAL B 161 -16.32 11.31 21.32
CA VAL B 161 -15.41 10.95 20.23
C VAL B 161 -16.07 11.13 18.83
N TRP B 162 -17.22 10.49 18.54
CA TRP B 162 -17.76 10.61 17.17
C TRP B 162 -18.31 12.01 16.83
N GLN B 163 -18.71 12.85 17.82
CA GLN B 163 -19.21 14.21 17.49
C GLN B 163 -18.11 15.09 16.88
N LYS B 164 -16.85 14.84 17.27
CA LYS B 164 -15.71 15.58 16.73
C LYS B 164 -15.43 15.25 15.26
N ARG B 165 -15.95 14.11 14.79
CA ARG B 165 -15.71 13.60 13.44
C ARG B 165 -16.43 14.39 12.33
N TYR B 166 -17.49 15.17 12.66
CA TYR B 166 -18.16 15.98 11.63
C TYR B 166 -17.18 17.06 11.13
N ARG B 167 -16.43 17.67 12.06
CA ARG B 167 -15.41 18.63 11.66
C ARG B 167 -14.28 17.92 10.90
N HIS B 168 -13.79 16.75 11.39
CA HIS B 168 -12.68 16.05 10.72
C HIS B 168 -13.08 15.79 9.26
N ILE B 169 -14.32 15.31 9.04
CA ILE B 169 -14.85 14.98 7.70
C ILE B 169 -14.94 16.23 6.82
N ARG B 170 -15.52 17.33 7.33
CA ARG B 170 -15.60 18.59 6.55
C ARG B 170 -14.19 19.03 6.10
N GLU B 171 -13.23 18.92 7.00
CA GLU B 171 -11.87 19.38 6.74
C GLU B 171 -11.05 18.46 5.85
N PHE B 172 -11.29 17.15 5.95
CA PHE B 172 -10.64 16.16 5.08
C PHE B 172 -11.16 16.39 3.64
N GLU B 173 -12.50 16.56 3.50
CA GLU B 173 -13.09 16.83 2.19
C GLU B 173 -12.66 18.20 1.64
N ARG B 174 -12.48 19.21 2.53
CA ARG B 174 -12.00 20.52 2.07
C ARG B 174 -10.58 20.37 1.47
N MET B 175 -9.70 19.61 2.14
CA MET B 175 -8.34 19.35 1.67
C MET B 175 -8.40 18.65 0.31
N LEU B 176 -9.19 17.57 0.18
CA LEU B 176 -9.35 16.85 -1.08
C LEU B 176 -9.80 17.77 -2.21
N ALA B 177 -10.83 18.58 -1.96
CA ALA B 177 -11.40 19.51 -2.97
C ALA B 177 -10.38 20.57 -3.35
N ASP B 178 -9.72 21.21 -2.36
CA ASP B 178 -8.70 22.23 -2.64
C ASP B 178 -7.58 21.66 -3.50
N GLU B 179 -7.24 20.38 -3.28
CA GLU B 179 -6.16 19.74 -4.00
C GLU B 179 -6.57 19.09 -5.35
N GLY B 180 -7.78 19.35 -5.81
CA GLY B 180 -8.22 18.89 -7.12
C GLY B 180 -9.30 17.82 -7.22
N THR B 181 -9.90 17.39 -6.11
CA THR B 181 -10.97 16.38 -6.20
C THR B 181 -12.36 17.01 -6.27
N THR B 182 -13.17 16.62 -7.26
CA THR B 182 -14.60 17.03 -7.35
C THR B 182 -15.33 15.97 -6.56
N ILE B 183 -16.05 16.38 -5.53
CA ILE B 183 -16.73 15.41 -4.64
C ILE B 183 -18.24 15.49 -4.79
N LEU B 184 -18.91 14.33 -4.96
CA LEU B 184 -20.37 14.23 -5.03
C LEU B 184 -20.76 13.18 -4.04
N LYS B 185 -21.64 13.52 -3.12
CA LYS B 185 -22.12 12.57 -2.11
C LYS B 185 -23.61 12.37 -2.31
N PHE B 186 -24.00 11.10 -2.51
CA PHE B 186 -25.41 10.77 -2.74
C PHE B 186 -25.95 9.93 -1.61
N PHE B 187 -27.03 10.41 -0.99
CA PHE B 187 -27.77 9.63 0.00
C PHE B 187 -28.98 9.05 -0.73
N LEU B 188 -28.97 7.73 -0.94
CA LEU B 188 -30.07 7.05 -1.66
C LEU B 188 -31.14 6.75 -0.63
N HIS B 189 -32.21 7.52 -0.69
CA HIS B 189 -33.24 7.55 0.34
C HIS B 189 -34.44 6.64 0.04
N ILE B 190 -34.55 5.52 0.79
CA ILE B 190 -35.69 4.61 0.66
C ILE B 190 -36.57 4.65 1.91
N SER B 191 -37.84 4.27 1.79
CA SER B 191 -38.76 4.22 2.96
C SER B 191 -38.55 2.88 3.66
N LYS B 192 -38.98 2.79 4.94
CA LYS B 192 -38.86 1.58 5.76
C LYS B 192 -39.64 0.41 5.12
N ASP B 193 -40.84 0.67 4.55
CA ASP B 193 -41.66 -0.36 3.90
C ASP B 193 -41.00 -0.88 2.61
N GLU B 194 -40.35 0.02 1.86
CA GLU B 194 -39.62 -0.35 0.65
C GLU B 194 -38.44 -1.29 1.02
N GLN B 195 -37.72 -0.96 2.10
CA GLN B 195 -36.60 -1.79 2.57
C GLN B 195 -37.12 -3.21 2.91
N ARG B 196 -38.27 -3.29 3.60
CA ARG B 196 -38.88 -4.58 3.96
C ARG B 196 -39.12 -5.46 2.71
N GLN B 197 -39.70 -4.88 1.64
CA GLN B 197 -40.00 -5.60 0.39
C GLN B 197 -38.71 -6.07 -0.29
N ARG B 198 -37.68 -5.20 -0.29
CA ARG B 198 -36.40 -5.51 -0.89
C ARG B 198 -35.63 -6.59 -0.15
N LEU B 199 -35.66 -6.56 1.18
CA LEU B 199 -34.95 -7.58 2.00
C LEU B 199 -35.61 -8.93 1.82
N GLN B 200 -36.93 -8.94 1.71
CA GLN B 200 -37.71 -10.16 1.47
C GLN B 200 -37.37 -10.72 0.07
N GLU B 201 -37.29 -9.85 -0.95
CA GLU B 201 -36.94 -10.23 -2.33
C GLU B 201 -35.50 -10.78 -2.38
N ARG B 202 -34.58 -10.19 -1.60
CA ARG B 202 -33.17 -10.59 -1.51
C ARG B 202 -33.09 -12.04 -0.99
N LEU B 203 -33.92 -12.35 0.03
CA LEU B 203 -34.03 -13.66 0.66
C LEU B 203 -34.61 -14.70 -0.31
N ASP B 204 -35.67 -14.34 -1.06
CA ASP B 204 -36.40 -15.22 -1.98
C ASP B 204 -35.72 -15.41 -3.36
N ASN B 205 -34.67 -14.64 -3.68
CA ASN B 205 -33.95 -14.74 -4.95
C ASN B 205 -32.68 -15.59 -4.72
N PRO B 206 -32.57 -16.76 -5.41
CA PRO B 206 -31.39 -17.62 -5.21
C PRO B 206 -30.08 -17.01 -5.71
N GLU B 207 -30.17 -16.00 -6.60
CA GLU B 207 -29.00 -15.30 -7.13
C GLU B 207 -28.64 -14.05 -6.30
N LYS B 208 -29.42 -13.74 -5.27
CA LYS B 208 -29.17 -12.57 -4.42
C LYS B 208 -29.09 -12.88 -2.92
N ARG B 209 -29.54 -14.08 -2.49
CA ARG B 209 -29.53 -14.47 -1.06
C ARG B 209 -28.12 -14.50 -0.42
N TRP B 210 -27.05 -14.60 -1.24
CA TRP B 210 -25.66 -14.56 -0.78
C TRP B 210 -25.33 -13.20 -0.13
N LYS B 211 -26.06 -12.13 -0.56
CA LYS B 211 -25.94 -10.74 -0.08
C LYS B 211 -26.61 -10.61 1.27
N PHE B 212 -27.62 -11.46 1.55
CA PHE B 212 -28.38 -11.41 2.79
C PHE B 212 -27.57 -11.86 4.00
N ARG B 213 -27.52 -10.99 5.03
CA ARG B 213 -26.87 -11.31 6.30
C ARG B 213 -27.90 -11.13 7.41
N MET B 214 -27.82 -11.97 8.46
CA MET B 214 -28.74 -11.93 9.61
C MET B 214 -28.65 -10.60 10.37
N GLY B 215 -27.45 -10.01 10.39
CA GLY B 215 -27.14 -8.73 11.03
C GLY B 215 -27.88 -7.53 10.44
N ASP B 216 -28.38 -7.68 9.20
CA ASP B 216 -29.16 -6.65 8.50
C ASP B 216 -30.55 -6.46 9.14
N LEU B 217 -31.06 -7.49 9.83
CA LEU B 217 -32.34 -7.40 10.53
C LEU B 217 -32.17 -6.57 11.82
N GLU B 218 -30.99 -6.63 12.47
CA GLU B 218 -30.66 -5.79 13.63
C GLU B 218 -30.55 -4.30 13.22
N ASP B 219 -29.87 -3.98 12.11
CA ASP B 219 -29.79 -2.61 11.57
C ASP B 219 -31.19 -2.09 11.19
N ARG B 220 -32.06 -2.99 10.69
CA ARG B 220 -33.44 -2.67 10.34
C ARG B 220 -34.26 -2.32 11.60
N ARG B 221 -34.07 -3.08 12.71
CA ARG B 221 -34.74 -2.82 13.98
C ARG B 221 -34.43 -1.38 14.48
N LEU B 222 -33.23 -0.86 14.15
CA LEU B 222 -32.77 0.46 14.53
C LEU B 222 -32.96 1.53 13.46
N TRP B 223 -33.88 1.27 12.51
CA TRP B 223 -34.22 2.15 11.40
C TRP B 223 -34.24 3.63 11.80
N ASP B 224 -35.05 4.00 12.81
CA ASP B 224 -35.20 5.38 13.28
C ASP B 224 -33.89 6.01 13.73
N ARG B 225 -33.05 5.24 14.43
CA ARG B 225 -31.75 5.72 14.90
C ARG B 225 -30.82 6.02 13.72
N TYR B 226 -30.88 5.18 12.68
CA TYR B 226 -30.07 5.39 11.48
C TYR B 226 -30.52 6.62 10.69
N GLN B 227 -31.85 6.85 10.59
CA GLN B 227 -32.41 8.00 9.87
C GLN B 227 -31.94 9.29 10.59
N GLU B 228 -31.98 9.29 11.95
CA GLU B 228 -31.49 10.43 12.74
C GLU B 228 -29.99 10.64 12.49
N ALA B 229 -29.21 9.54 12.42
CA ALA B 229 -27.75 9.60 12.22
C ALA B 229 -27.44 10.16 10.82
N TYR B 230 -28.24 9.76 9.82
CA TYR B 230 -28.08 10.27 8.47
C TYR B 230 -28.42 11.75 8.39
N GLU B 231 -29.53 12.14 9.02
CA GLU B 231 -29.92 13.54 9.04
C GLU B 231 -28.82 14.42 9.66
N ALA B 232 -28.29 14.01 10.81
CA ALA B 232 -27.23 14.76 11.48
C ALA B 232 -25.97 14.79 10.62
N ALA B 233 -25.54 13.65 10.04
CA ALA B 233 -24.31 13.63 9.21
C ALA B 233 -24.45 14.53 7.98
N ILE B 234 -25.61 14.50 7.30
CA ILE B 234 -25.81 15.31 6.10
C ILE B 234 -25.86 16.81 6.48
N ARG B 235 -26.59 17.15 7.53
CA ARG B 235 -26.71 18.51 8.02
C ARG B 235 -25.29 19.09 8.35
N GLU B 236 -24.44 18.30 9.01
CA GLU B 236 -23.10 18.72 9.44
C GLU B 236 -22.07 18.79 8.33
N THR B 237 -22.23 17.97 7.28
CA THR B 237 -21.16 17.86 6.29
C THR B 237 -21.52 18.27 4.87
N SER B 238 -22.78 18.69 4.60
CA SER B 238 -23.05 19.15 3.25
C SER B 238 -22.47 20.56 3.14
N THR B 239 -21.46 20.73 2.29
CA THR B 239 -20.77 22.02 2.12
C THR B 239 -20.78 22.39 0.63
N GLU B 240 -20.28 23.59 0.30
CA GLU B 240 -20.23 24.06 -1.09
C GLU B 240 -19.24 23.22 -1.91
N TYR B 241 -18.11 22.81 -1.29
CA TYR B 241 -17.07 22.04 -1.96
C TYR B 241 -17.35 20.53 -1.92
N ALA B 242 -18.27 20.07 -1.07
CA ALA B 242 -18.60 18.65 -0.97
C ALA B 242 -20.10 18.53 -0.64
N PRO B 243 -20.97 18.76 -1.65
CA PRO B 243 -22.41 18.73 -1.36
C PRO B 243 -22.97 17.33 -1.20
N TRP B 244 -24.01 17.22 -0.40
CA TRP B 244 -24.80 16.02 -0.30
C TRP B 244 -26.00 16.25 -1.21
N TYR B 245 -26.45 15.18 -1.87
CA TYR B 245 -27.67 15.16 -2.68
C TYR B 245 -28.53 14.06 -2.09
N VAL B 246 -29.78 14.38 -1.77
CA VAL B 246 -30.74 13.39 -1.26
C VAL B 246 -31.50 12.86 -2.46
N ILE B 247 -31.36 11.57 -2.73
CA ILE B 247 -31.98 10.94 -3.92
C ILE B 247 -33.20 10.11 -3.52
N PRO B 248 -34.45 10.53 -3.86
CA PRO B 248 -35.62 9.64 -3.61
C PRO B 248 -35.36 8.36 -4.38
N ALA B 249 -35.27 7.23 -3.68
CA ALA B 249 -34.75 6.02 -4.30
C ALA B 249 -35.65 4.80 -4.21
N ASN B 250 -36.94 4.99 -3.87
CA ASN B 250 -37.88 3.86 -3.89
C ASN B 250 -38.10 3.36 -5.32
N LYS B 251 -37.96 4.25 -6.33
CA LYS B 251 -38.08 3.89 -7.73
C LYS B 251 -36.67 3.89 -8.30
N ASN B 252 -36.15 2.71 -8.66
CA ASN B 252 -34.78 2.57 -9.19
C ASN B 252 -34.59 3.37 -10.47
N TRP B 253 -35.61 3.38 -11.33
CA TRP B 253 -35.53 4.13 -12.58
C TRP B 253 -35.27 5.61 -12.31
N TYR B 254 -35.92 6.16 -11.26
CA TYR B 254 -35.76 7.57 -10.94
C TYR B 254 -34.41 7.83 -10.29
N ARG B 255 -34.02 6.95 -9.36
CA ARG B 255 -32.74 7.00 -8.67
C ARG B 255 -31.59 7.02 -9.69
N ASN B 256 -31.61 6.08 -10.64
CA ASN B 256 -30.53 5.98 -11.66
C ASN B 256 -30.47 7.18 -12.56
N TRP B 257 -31.64 7.65 -13.01
CA TRP B 257 -31.72 8.82 -13.88
C TRP B 257 -31.20 10.08 -13.15
N LEU B 258 -31.67 10.33 -11.90
CA LEU B 258 -31.30 11.52 -11.14
C LEU B 258 -29.80 11.56 -10.77
N VAL B 259 -29.23 10.43 -10.29
CA VAL B 259 -27.80 10.38 -10.00
C VAL B 259 -27.01 10.64 -11.30
N SER B 260 -27.42 10.01 -12.43
CA SER B 260 -26.72 10.22 -13.72
C SER B 260 -26.79 11.69 -14.15
N HIS B 261 -27.99 12.31 -14.05
CA HIS B 261 -28.18 13.73 -14.38
C HIS B 261 -27.22 14.64 -13.57
N ILE B 262 -27.19 14.49 -12.24
CA ILE B 262 -26.35 15.30 -11.35
C ILE B 262 -24.86 15.08 -11.66
N LEU B 263 -24.45 13.80 -11.84
CA LEU B 263 -23.06 13.49 -12.13
C LEU B 263 -22.61 14.12 -13.47
N VAL B 264 -23.41 13.93 -14.51
CA VAL B 264 -23.11 14.45 -15.84
C VAL B 264 -23.01 15.98 -15.80
N GLU B 265 -23.96 16.64 -15.17
CA GLU B 265 -23.97 18.10 -15.06
C GLU B 265 -22.72 18.59 -14.34
N THR B 266 -22.33 17.90 -13.26
CA THR B 266 -21.12 18.27 -12.52
C THR B 266 -19.87 18.14 -13.40
N LEU B 267 -19.71 17.00 -14.08
CA LEU B 267 -18.55 16.76 -14.94
C LEU B 267 -18.51 17.74 -16.12
N GLU B 268 -19.69 18.08 -16.69
CA GLU B 268 -19.75 19.05 -17.80
C GLU B 268 -19.29 20.44 -17.32
N GLY B 269 -19.59 20.79 -16.07
CA GLY B 269 -19.19 22.06 -15.47
C GLY B 269 -17.67 22.23 -15.32
N LEU B 270 -16.91 21.13 -15.40
CA LEU B 270 -15.44 21.18 -15.30
C LEU B 270 -14.80 21.71 -16.58
N ALA B 271 -15.55 21.65 -17.73
CA ALA B 271 -15.15 22.08 -19.09
C ALA B 271 -13.74 21.52 -19.43
N MET B 272 -13.56 20.21 -19.25
CA MET B 272 -12.30 19.50 -19.50
C MET B 272 -11.94 19.56 -20.97
N GLN B 273 -10.63 19.68 -21.27
CA GLN B 273 -10.16 19.75 -22.65
C GLN B 273 -9.18 18.61 -22.92
N TYR B 274 -9.25 18.01 -24.12
CA TYR B 274 -8.30 16.96 -24.50
C TYR B 274 -6.93 17.63 -24.62
N PRO B 275 -5.85 17.10 -23.98
CA PRO B 275 -4.54 17.75 -24.14
C PRO B 275 -4.08 17.76 -25.61
N GLN B 276 -3.37 18.81 -25.96
CA GLN B 276 -2.81 18.93 -27.30
C GLN B 276 -1.27 19.00 -27.18
N PRO B 277 -0.57 17.83 -27.02
CA PRO B 277 0.91 17.86 -26.92
C PRO B 277 1.59 18.57 -28.09
N GLU B 278 2.64 19.34 -27.79
CA GLU B 278 3.42 20.12 -28.75
C GLU B 278 4.62 19.31 -29.24
N MET C 21 -11.37 -22.97 -31.21
CA MET C 21 -10.35 -21.92 -31.29
C MET C 21 -9.16 -22.30 -30.39
N LYS C 22 -8.45 -23.38 -30.78
CA LYS C 22 -7.29 -23.96 -30.05
C LYS C 22 -5.96 -23.63 -30.72
N LYS C 23 -6.00 -23.10 -31.97
CA LYS C 23 -4.83 -22.72 -32.77
C LYS C 23 -4.09 -21.51 -32.17
N TYR C 24 -4.76 -20.73 -31.32
CA TYR C 24 -4.21 -19.51 -30.72
C TYR C 24 -3.54 -19.72 -29.36
N ARG C 25 -3.78 -20.86 -28.71
CA ARG C 25 -3.14 -21.18 -27.45
C ARG C 25 -1.72 -21.65 -27.74
N VAL C 26 -0.72 -21.00 -27.14
CA VAL C 26 0.68 -21.37 -27.34
C VAL C 26 0.98 -22.60 -26.44
N GLN C 27 1.25 -23.75 -27.06
CA GLN C 27 1.54 -25.00 -26.34
C GLN C 27 2.84 -24.87 -25.54
N PRO C 28 2.91 -25.49 -24.33
CA PRO C 28 4.14 -25.35 -23.53
C PRO C 28 5.31 -26.22 -23.96
N ASP C 29 5.62 -26.26 -25.26
CA ASP C 29 6.71 -27.07 -25.79
C ASP C 29 7.99 -26.26 -26.10
N GLY C 30 7.94 -24.95 -25.84
CA GLY C 30 9.05 -24.03 -26.09
C GLY C 30 9.48 -23.95 -27.54
N ARG C 31 8.55 -24.22 -28.49
CA ARG C 31 8.81 -24.21 -29.94
C ARG C 31 8.03 -23.11 -30.67
N PHE C 32 7.46 -22.15 -29.91
CA PHE C 32 6.68 -21.05 -30.48
C PHE C 32 7.47 -20.20 -31.47
N GLU C 33 6.88 -19.92 -32.62
CA GLU C 33 7.45 -19.06 -33.66
C GLU C 33 6.38 -18.03 -34.01
N LEU C 34 6.67 -16.75 -33.74
CA LEU C 34 5.75 -15.65 -34.02
C LEU C 34 5.41 -15.50 -35.51
N LYS C 35 6.36 -15.83 -36.41
CA LYS C 35 6.16 -15.76 -37.88
C LYS C 35 5.00 -16.65 -38.39
N ARG C 36 4.61 -17.68 -37.62
CA ARG C 36 3.52 -18.59 -37.97
C ARG C 36 2.13 -17.96 -37.76
N PHE C 37 2.06 -16.83 -37.01
CA PHE C 37 0.82 -16.11 -36.70
C PHE C 37 0.71 -14.86 -37.55
N ASP C 38 -0.38 -14.77 -38.31
CA ASP C 38 -0.66 -13.67 -39.21
C ASP C 38 -1.60 -12.69 -38.52
N PRO C 39 -1.19 -11.40 -38.36
CA PRO C 39 -2.06 -10.41 -37.69
C PRO C 39 -3.41 -10.18 -38.39
N ASP C 40 -3.52 -10.55 -39.69
CA ASP C 40 -4.74 -10.40 -40.50
C ASP C 40 -5.63 -11.65 -40.52
N ASP C 41 -5.23 -12.69 -39.80
CA ASP C 41 -5.96 -13.97 -39.73
C ASP C 41 -7.30 -13.82 -39.03
N THR C 42 -8.37 -14.29 -39.66
CA THR C 42 -9.72 -14.23 -39.05
C THR C 42 -10.41 -15.60 -39.19
N SER C 43 -9.60 -16.66 -39.38
CA SER C 43 -10.07 -18.02 -39.71
C SER C 43 -10.95 -18.73 -38.65
N ALA C 44 -10.90 -18.33 -37.37
CA ALA C 44 -11.76 -18.96 -36.35
C ALA C 44 -13.22 -18.46 -36.39
N PHE C 45 -13.48 -17.37 -37.15
CA PHE C 45 -14.83 -16.82 -37.27
C PHE C 45 -15.25 -16.80 -38.74
N GLU C 46 -16.37 -17.42 -39.14
CA GLU C 46 -16.68 -17.43 -40.58
C GLU C 46 -17.54 -16.27 -41.14
N GLY C 47 -18.39 -15.66 -40.34
CA GLY C 47 -19.35 -14.66 -40.80
C GLY C 47 -19.00 -13.23 -41.17
N GLY C 48 -17.78 -12.76 -40.92
CA GLY C 48 -17.41 -11.37 -41.20
C GLY C 48 -17.76 -10.42 -40.06
N LYS C 49 -17.33 -9.11 -40.16
CA LYS C 49 -17.49 -8.04 -39.15
C LYS C 49 -18.90 -7.95 -38.55
N GLN C 50 -19.95 -7.80 -39.38
CA GLN C 50 -21.31 -7.65 -38.87
C GLN C 50 -21.78 -8.84 -38.02
N ALA C 51 -21.55 -10.08 -38.48
CA ALA C 51 -21.90 -11.28 -37.71
C ALA C 51 -21.09 -11.34 -36.40
N ALA C 52 -19.80 -10.94 -36.44
CA ALA C 52 -18.92 -10.94 -35.26
C ALA C 52 -19.37 -9.97 -34.19
N LEU C 53 -19.96 -8.83 -34.61
CA LEU C 53 -20.45 -7.82 -33.66
C LEU C 53 -21.62 -8.39 -32.85
N GLU C 54 -22.50 -9.16 -33.52
CA GLU C 54 -23.66 -9.81 -32.90
C GLU C 54 -23.19 -10.93 -31.96
N ALA C 55 -22.20 -11.75 -32.42
CA ALA C 55 -21.62 -12.84 -31.62
C ALA C 55 -20.93 -12.25 -30.38
N LEU C 56 -20.25 -11.10 -30.55
CA LEU C 56 -19.57 -10.43 -29.45
C LEU C 56 -20.59 -9.94 -28.42
N ALA C 57 -21.74 -9.38 -28.85
CA ALA C 57 -22.78 -8.90 -27.91
C ALA C 57 -23.33 -10.04 -27.02
N VAL C 58 -23.50 -11.24 -27.61
CA VAL C 58 -23.95 -12.44 -26.90
C VAL C 58 -22.87 -12.87 -25.89
N LEU C 59 -21.59 -12.93 -26.32
CA LEU C 59 -20.49 -13.27 -25.39
C LEU C 59 -20.38 -12.26 -24.27
N ASN C 60 -20.58 -10.97 -24.60
CA ASN C 60 -20.49 -9.88 -23.63
C ASN C 60 -21.53 -10.04 -22.52
N ARG C 61 -22.77 -10.36 -22.89
CA ARG C 61 -23.84 -10.60 -21.92
C ARG C 61 -23.51 -11.82 -21.03
N ARG C 62 -22.93 -12.89 -21.61
CA ARG C 62 -22.51 -14.08 -20.87
C ARG C 62 -21.41 -13.70 -19.87
N LEU C 63 -20.44 -12.87 -20.32
CA LEU C 63 -19.36 -12.37 -19.47
C LEU C 63 -19.87 -11.55 -18.28
N GLU C 64 -20.87 -10.69 -18.51
CA GLU C 64 -21.48 -9.89 -17.44
C GLU C 64 -22.06 -10.81 -16.35
N LYS C 65 -22.78 -11.88 -16.76
CA LYS C 65 -23.38 -12.85 -15.84
C LYS C 65 -22.32 -13.70 -15.12
N LEU C 66 -21.25 -14.12 -15.84
CA LEU C 66 -20.17 -14.87 -15.22
C LEU C 66 -19.41 -14.02 -14.19
N GLN C 67 -19.23 -12.69 -14.44
CA GLN C 67 -18.56 -11.83 -13.47
C GLN C 67 -19.40 -11.70 -12.21
N GLU C 68 -20.75 -11.55 -12.36
CA GLU C 68 -21.63 -11.41 -11.19
C GLU C 68 -21.54 -12.65 -10.29
N LEU C 69 -21.42 -13.81 -10.93
CA LEU C 69 -21.27 -15.11 -10.29
C LEU C 69 -19.88 -15.24 -9.63
N LEU C 70 -18.81 -14.83 -10.32
CA LEU C 70 -17.44 -14.83 -9.78
C LEU C 70 -17.41 -14.03 -8.47
N TYR C 71 -17.99 -12.83 -8.50
CA TYR C 71 -18.04 -11.94 -7.36
C TYR C 71 -18.87 -12.51 -6.20
N ALA C 72 -20.08 -13.06 -6.50
CA ALA C 72 -20.99 -13.63 -5.50
C ALA C 72 -20.36 -14.85 -4.83
N GLU C 73 -19.79 -15.77 -5.63
CA GLU C 73 -19.14 -16.97 -5.09
C GLU C 73 -17.93 -16.60 -4.21
N GLY C 74 -17.19 -15.57 -4.61
CA GLY C 74 -16.05 -15.06 -3.86
C GLY C 74 -14.93 -16.03 -3.56
N GLN C 75 -14.64 -16.96 -4.49
CA GLN C 75 -13.58 -17.95 -4.27
C GLN C 75 -12.44 -17.85 -5.27
N HIS C 76 -12.77 -17.76 -6.58
CA HIS C 76 -11.75 -17.69 -7.64
C HIS C 76 -11.19 -16.30 -7.79
N LYS C 77 -9.92 -16.21 -8.27
CA LYS C 77 -9.27 -14.95 -8.58
C LYS C 77 -8.99 -15.05 -10.07
N VAL C 78 -9.30 -13.99 -10.85
CA VAL C 78 -9.11 -14.07 -12.31
C VAL C 78 -8.17 -12.96 -12.76
N LEU C 79 -7.05 -13.35 -13.39
CA LEU C 79 -6.07 -12.38 -13.89
C LEU C 79 -5.98 -12.45 -15.40
N VAL C 80 -6.26 -11.31 -16.06
CA VAL C 80 -6.17 -11.18 -17.50
C VAL C 80 -4.99 -10.26 -17.82
N VAL C 81 -3.98 -10.79 -18.51
CA VAL C 81 -2.81 -10.00 -18.87
C VAL C 81 -2.93 -9.56 -20.35
N LEU C 82 -2.74 -8.26 -20.62
CA LEU C 82 -2.76 -7.75 -21.99
C LEU C 82 -1.39 -7.18 -22.32
N GLN C 83 -0.77 -7.70 -23.38
CA GLN C 83 0.49 -7.19 -23.89
C GLN C 83 0.32 -6.97 -25.39
N ALA C 84 0.95 -5.91 -25.93
CA ALA C 84 0.92 -5.58 -27.35
C ALA C 84 1.92 -4.48 -27.62
N MET C 85 2.28 -4.30 -28.89
CA MET C 85 3.10 -3.16 -29.31
C MET C 85 2.21 -1.92 -29.08
N ASP C 86 2.81 -0.71 -29.01
CA ASP C 86 2.01 0.50 -28.88
C ASP C 86 1.00 0.56 -30.03
N ALA C 87 -0.26 0.95 -29.72
CA ALA C 87 -1.41 1.00 -30.64
C ALA C 87 -1.94 -0.40 -31.03
N GLY C 88 -1.45 -1.43 -30.37
CA GLY C 88 -1.82 -2.82 -30.60
C GLY C 88 -3.19 -3.24 -30.12
N GLY C 89 -3.88 -2.37 -29.39
CA GLY C 89 -5.25 -2.61 -28.96
C GLY C 89 -5.53 -2.88 -27.50
N LYS C 90 -4.56 -2.64 -26.58
CA LYS C 90 -4.76 -2.91 -25.14
C LYS C 90 -5.94 -2.10 -24.56
N ASP C 91 -5.94 -0.76 -24.78
CA ASP C 91 -7.00 0.12 -24.25
C ASP C 91 -8.37 -0.22 -24.85
N GLY C 92 -8.42 -0.47 -26.17
CA GLY C 92 -9.64 -0.81 -26.91
C GLY C 92 -10.22 -2.16 -26.49
N THR C 93 -9.37 -3.15 -26.22
CA THR C 93 -9.81 -4.49 -25.76
C THR C 93 -10.49 -4.35 -24.39
N ILE C 94 -9.88 -3.59 -23.47
CA ILE C 94 -10.49 -3.37 -22.14
C ILE C 94 -11.86 -2.70 -22.31
N ARG C 95 -11.90 -1.63 -23.09
CA ARG C 95 -13.10 -0.84 -23.32
C ARG C 95 -14.24 -1.70 -23.91
N VAL C 96 -13.94 -2.52 -24.92
CA VAL C 96 -15.00 -3.28 -25.63
C VAL C 96 -15.34 -4.59 -24.93
N VAL C 97 -14.32 -5.41 -24.64
CA VAL C 97 -14.55 -6.72 -24.03
C VAL C 97 -15.27 -6.61 -22.67
N PHE C 98 -14.89 -5.61 -21.84
CA PHE C 98 -15.47 -5.49 -20.50
C PHE C 98 -16.61 -4.48 -20.43
N ASP C 99 -17.13 -4.07 -21.61
CA ASP C 99 -18.24 -3.14 -21.69
C ASP C 99 -19.46 -3.70 -20.92
N GLY C 100 -19.91 -2.97 -19.91
CA GLY C 100 -21.10 -3.36 -19.14
C GLY C 100 -20.81 -4.26 -17.96
N VAL C 101 -19.56 -4.73 -17.82
CA VAL C 101 -19.20 -5.59 -16.70
C VAL C 101 -19.16 -4.74 -15.42
N ASN C 102 -19.83 -5.18 -14.36
CA ASN C 102 -19.93 -4.44 -13.10
C ASN C 102 -18.56 -3.94 -12.57
N PRO C 103 -18.38 -2.59 -12.46
CA PRO C 103 -17.12 -2.04 -11.95
C PRO C 103 -16.74 -2.54 -10.54
N SER C 104 -17.73 -2.95 -9.75
CA SER C 104 -17.45 -3.46 -8.41
C SER C 104 -16.57 -4.72 -8.43
N GLY C 105 -16.61 -5.51 -9.52
CA GLY C 105 -15.81 -6.73 -9.57
C GLY C 105 -14.72 -6.81 -10.62
N VAL C 106 -14.52 -5.69 -11.37
CA VAL C 106 -13.50 -5.60 -12.41
CA VAL C 106 -13.49 -5.63 -12.40
C VAL C 106 -12.58 -4.42 -12.11
N ARG C 107 -11.27 -4.66 -12.11
CA ARG C 107 -10.28 -3.65 -11.82
C ARG C 107 -9.14 -3.71 -12.84
N VAL C 108 -8.70 -2.56 -13.31
CA VAL C 108 -7.58 -2.48 -14.22
C VAL C 108 -6.35 -2.00 -13.44
N ALA C 109 -5.20 -2.66 -13.63
CA ALA C 109 -3.92 -2.22 -13.08
C ALA C 109 -3.05 -1.96 -14.31
N SER C 110 -2.65 -0.71 -14.54
CA SER C 110 -1.81 -0.36 -15.68
C SER C 110 -0.40 -0.21 -15.18
N PHE C 111 0.58 -0.75 -15.90
CA PHE C 111 1.97 -0.67 -15.46
C PHE C 111 2.77 0.18 -16.45
N GLY C 112 3.14 1.37 -16.01
CA GLY C 112 3.94 2.29 -16.80
C GLY C 112 5.37 2.28 -16.32
N VAL C 113 6.09 3.36 -16.63
CA VAL C 113 7.48 3.57 -16.26
C VAL C 113 7.63 3.44 -14.72
N PRO C 114 8.52 2.54 -14.23
CA PRO C 114 8.67 2.38 -12.76
C PRO C 114 9.15 3.64 -12.06
N THR C 115 8.64 3.89 -10.85
CA THR C 115 9.05 5.03 -10.05
C THR C 115 10.29 4.61 -9.25
N GLU C 116 10.91 5.57 -8.54
CA GLU C 116 12.06 5.27 -7.67
C GLU C 116 11.70 4.28 -6.56
N GLN C 117 10.47 4.40 -5.98
CA GLN C 117 9.99 3.47 -4.94
C GLN C 117 9.88 2.05 -5.50
N GLU C 118 9.30 1.92 -6.72
CA GLU C 118 9.12 0.61 -7.34
C GLU C 118 10.45 -0.03 -7.73
N LEU C 119 11.40 0.79 -8.22
CA LEU C 119 12.74 0.34 -8.61
C LEU C 119 13.58 -0.01 -7.37
N ALA C 120 13.17 0.45 -6.16
CA ALA C 120 13.91 0.17 -4.93
C ALA C 120 13.65 -1.26 -4.42
N ARG C 121 12.63 -1.95 -4.99
CA ARG C 121 12.32 -3.35 -4.67
C ARG C 121 12.46 -4.15 -5.97
N ASP C 122 12.39 -5.49 -5.91
CA ASP C 122 12.46 -6.32 -7.12
C ASP C 122 11.32 -5.92 -8.08
N TYR C 123 11.48 -6.18 -9.37
CA TYR C 123 10.49 -5.83 -10.41
C TYR C 123 9.12 -6.47 -10.18
N LEU C 124 9.05 -7.62 -9.46
CA LEU C 124 7.75 -8.26 -9.20
C LEU C 124 6.96 -7.63 -8.03
N TRP C 125 7.63 -6.84 -7.17
CA TRP C 125 6.99 -6.22 -6.00
C TRP C 125 5.75 -5.38 -6.39
N ARG C 126 5.91 -4.45 -7.35
CA ARG C 126 4.77 -3.59 -7.74
C ARG C 126 3.67 -4.38 -8.44
N VAL C 127 4.04 -5.51 -9.07
CA VAL C 127 3.11 -6.34 -9.81
C VAL C 127 2.31 -7.20 -8.85
N HIS C 128 3.00 -7.88 -7.92
CA HIS C 128 2.36 -8.76 -6.96
C HIS C 128 1.34 -7.99 -6.15
N GLN C 129 1.62 -6.71 -5.85
CA GLN C 129 0.70 -5.87 -5.09
CA GLN C 129 0.70 -5.84 -5.10
C GLN C 129 -0.71 -5.83 -5.70
N GLN C 130 -0.80 -5.85 -7.05
CA GLN C 130 -2.02 -5.68 -7.84
C GLN C 130 -2.76 -6.92 -8.22
N VAL C 131 -2.31 -8.11 -7.80
CA VAL C 131 -2.98 -9.34 -8.19
C VAL C 131 -4.46 -9.36 -7.75
N PRO C 132 -5.35 -10.08 -8.48
CA PRO C 132 -6.75 -10.12 -8.06
C PRO C 132 -6.91 -10.86 -6.74
N ARG C 133 -7.87 -10.38 -5.95
CA ARG C 133 -8.23 -11.04 -4.72
C ARG C 133 -9.42 -11.98 -5.05
N LYS C 134 -9.84 -12.78 -4.07
CA LYS C 134 -10.97 -13.70 -4.25
C LYS C 134 -12.22 -12.94 -4.69
N GLY C 135 -12.87 -13.44 -5.73
CA GLY C 135 -14.09 -12.85 -6.30
C GLY C 135 -13.86 -11.71 -7.26
N GLU C 136 -12.60 -11.38 -7.55
CA GLU C 136 -12.25 -10.25 -8.40
C GLU C 136 -11.63 -10.66 -9.73
N LEU C 137 -11.90 -9.82 -10.76
CA LEU C 137 -11.31 -9.99 -12.08
C LEU C 137 -10.40 -8.79 -12.28
N VAL C 138 -9.09 -9.04 -12.46
CA VAL C 138 -8.14 -7.94 -12.66
C VAL C 138 -7.56 -8.04 -14.06
N ILE C 139 -7.47 -6.89 -14.75
CA ILE C 139 -6.83 -6.80 -16.04
C ILE C 139 -5.50 -6.05 -15.85
N PHE C 140 -4.39 -6.67 -16.29
CA PHE C 140 -3.09 -6.01 -16.28
C PHE C 140 -2.92 -5.39 -17.68
N ASN C 141 -2.94 -4.05 -17.76
CA ASN C 141 -2.71 -3.32 -19.01
C ASN C 141 -1.19 -3.08 -18.98
N ARG C 142 -0.43 -3.96 -19.66
CA ARG C 142 1.03 -4.12 -19.52
C ARG C 142 1.19 -4.84 -18.18
N SER C 143 2.37 -5.38 -17.88
CA SER C 143 2.49 -6.25 -16.70
C SER C 143 3.95 -6.49 -16.37
N HIS C 144 4.21 -7.55 -15.59
CA HIS C 144 5.57 -8.01 -15.27
C HIS C 144 6.35 -8.38 -16.56
N TYR C 145 5.66 -8.63 -17.69
CA TYR C 145 6.35 -8.96 -18.95
C TYR C 145 7.16 -7.79 -19.47
N GLU C 146 6.85 -6.55 -19.05
CA GLU C 146 7.64 -5.37 -19.47
C GLU C 146 9.11 -5.52 -19.01
N ASP C 147 9.32 -6.27 -17.91
CA ASP C 147 10.65 -6.48 -17.35
C ASP C 147 11.51 -7.50 -18.16
N VAL C 148 10.95 -8.07 -19.25
CA VAL C 148 11.70 -8.92 -20.22
C VAL C 148 11.49 -8.37 -21.64
N LEU C 149 10.94 -7.16 -21.74
CA LEU C 149 10.65 -6.55 -23.04
C LEU C 149 11.46 -5.28 -23.23
N VAL C 150 10.89 -4.11 -22.79
CA VAL C 150 11.58 -2.80 -22.88
CA VAL C 150 11.57 -2.82 -22.89
C VAL C 150 12.97 -2.93 -22.26
N VAL C 151 13.06 -3.67 -21.16
CA VAL C 151 14.28 -3.94 -20.42
C VAL C 151 15.32 -4.63 -21.31
N ARG C 152 14.91 -5.69 -22.02
CA ARG C 152 15.76 -6.46 -22.95
C ARG C 152 16.14 -5.66 -24.21
N VAL C 153 15.16 -4.96 -24.82
CA VAL C 153 15.32 -4.18 -26.06
C VAL C 153 16.27 -2.98 -25.87
N LYS C 154 16.02 -2.17 -24.80
CA LYS C 154 16.78 -0.96 -24.48
C LYS C 154 18.01 -1.20 -23.60
N ASN C 155 18.34 -2.49 -23.32
CA ASN C 155 19.47 -2.94 -22.49
C ASN C 155 19.53 -2.19 -21.15
N LEU C 156 18.37 -2.09 -20.46
CA LEU C 156 18.27 -1.39 -19.18
C LEU C 156 18.97 -2.15 -18.04
N VAL C 157 19.14 -3.49 -18.21
CA VAL C 157 19.88 -4.41 -17.34
C VAL C 157 20.66 -5.36 -18.30
N PRO C 158 21.86 -5.93 -17.94
CA PRO C 158 22.54 -6.86 -18.89
C PRO C 158 21.76 -8.15 -19.15
N GLN C 159 22.09 -8.87 -20.25
CA GLN C 159 21.43 -10.11 -20.70
C GLN C 159 21.29 -11.14 -19.59
N GLN C 160 22.36 -11.35 -18.81
CA GLN C 160 22.47 -12.25 -17.65
C GLN C 160 21.32 -11.99 -16.68
N VAL C 161 21.06 -10.70 -16.38
CA VAL C 161 19.99 -10.31 -15.47
C VAL C 161 18.58 -10.62 -16.05
N TRP C 162 18.21 -10.08 -17.25
CA TRP C 162 16.86 -10.32 -17.78
C TRP C 162 16.61 -11.78 -18.22
N GLN C 163 17.66 -12.56 -18.57
CA GLN C 163 17.48 -13.95 -18.98
C GLN C 163 16.98 -14.81 -17.80
N LYS C 164 17.36 -14.46 -16.56
CA LYS C 164 16.93 -15.20 -15.37
C LYS C 164 15.45 -14.96 -15.04
N ARG C 165 14.87 -13.88 -15.57
CA ARG C 165 13.50 -13.47 -15.28
C ARG C 165 12.45 -14.35 -15.91
N TYR C 166 12.79 -15.07 -16.98
CA TYR C 166 11.83 -15.98 -17.59
C TYR C 166 11.44 -17.06 -16.55
N ARG C 167 12.43 -17.64 -15.86
CA ARG C 167 12.16 -18.62 -14.78
C ARG C 167 11.38 -17.95 -13.64
N HIS C 168 11.81 -16.73 -13.20
CA HIS C 168 11.09 -16.04 -12.09
C HIS C 168 9.59 -15.92 -12.44
N ILE C 169 9.31 -15.51 -13.68
CA ILE C 169 7.92 -15.32 -14.17
C ILE C 169 7.15 -16.63 -14.18
N ARG C 170 7.71 -17.70 -14.74
CA ARG C 170 7.03 -19.01 -14.78
C ARG C 170 6.67 -19.44 -13.34
N GLU C 171 7.61 -19.24 -12.40
CA GLU C 171 7.46 -19.69 -11.02
C GLU C 171 6.51 -18.81 -10.22
N PHE C 172 6.49 -17.51 -10.50
CA PHE C 172 5.56 -16.57 -9.84
C PHE C 172 4.14 -16.95 -10.29
N GLU C 173 3.94 -17.16 -11.60
CA GLU C 173 2.63 -17.56 -12.13
C GLU C 173 2.21 -18.94 -11.67
N ARG C 174 3.18 -19.87 -11.49
CA ARG C 174 2.87 -21.20 -10.96
C ARG C 174 2.30 -21.08 -9.55
N MET C 175 2.95 -20.24 -8.72
CA MET C 175 2.52 -20.00 -7.33
C MET C 175 1.10 -19.40 -7.35
N LEU C 176 0.84 -18.36 -8.17
CA LEU C 176 -0.49 -17.73 -8.27
C LEU C 176 -1.56 -18.76 -8.67
N ALA C 177 -1.28 -19.58 -9.70
CA ALA C 177 -2.23 -20.57 -10.18
C ALA C 177 -2.48 -21.66 -9.13
N ASP C 178 -1.41 -22.18 -8.50
CA ASP C 178 -1.54 -23.19 -7.45
C ASP C 178 -2.40 -22.69 -6.30
N GLU C 179 -2.29 -21.39 -6.01
CA GLU C 179 -3.01 -20.76 -4.90
C GLU C 179 -4.39 -20.20 -5.27
N GLY C 180 -4.91 -20.52 -6.46
CA GLY C 180 -6.28 -20.16 -6.82
C GLY C 180 -6.57 -19.14 -7.90
N THR C 181 -5.52 -18.64 -8.58
CA THR C 181 -5.72 -17.66 -9.67
C THR C 181 -5.81 -18.33 -11.02
N THR C 182 -6.87 -18.00 -11.80
CA THR C 182 -7.02 -18.44 -13.19
C THR C 182 -6.31 -17.35 -14.00
N ILE C 183 -5.27 -17.74 -14.76
CA ILE C 183 -4.48 -16.76 -15.51
C ILE C 183 -4.69 -16.88 -17.01
N LEU C 184 -4.97 -15.76 -17.68
CA LEU C 184 -5.08 -15.70 -19.14
C LEU C 184 -4.17 -14.60 -19.62
N LYS C 185 -3.25 -14.90 -20.52
CA LYS C 185 -2.34 -13.90 -21.07
C LYS C 185 -2.59 -13.76 -22.56
N PHE C 186 -2.91 -12.52 -23.00
CA PHE C 186 -3.20 -12.26 -24.42
C PHE C 186 -2.14 -11.37 -25.03
N PHE C 187 -1.53 -11.84 -26.14
CA PHE C 187 -0.62 -11.01 -26.93
C PHE C 187 -1.41 -10.54 -28.14
N LEU C 188 -1.71 -9.23 -28.19
CA LEU C 188 -2.50 -8.66 -29.28
C LEU C 188 -1.52 -8.34 -30.39
N HIS C 189 -1.57 -9.18 -31.44
CA HIS C 189 -0.59 -9.19 -32.51
C HIS C 189 -0.99 -8.36 -33.71
N ILE C 190 -0.26 -7.23 -33.90
CA ILE C 190 -0.47 -6.33 -35.04
C ILE C 190 0.77 -6.31 -35.96
N SER C 191 0.58 -5.96 -37.24
CA SER C 191 1.70 -5.86 -38.18
C SER C 191 2.35 -4.47 -38.04
N LYS C 192 3.61 -4.34 -38.53
CA LYS C 192 4.36 -3.07 -38.51
C LYS C 192 3.60 -1.96 -39.27
N ASP C 193 3.01 -2.29 -40.42
CA ASP C 193 2.28 -1.33 -41.24
C ASP C 193 0.97 -0.91 -40.57
N GLU C 194 0.30 -1.84 -39.86
CA GLU C 194 -0.91 -1.52 -39.11
C GLU C 194 -0.58 -0.53 -37.98
N GLN C 195 0.56 -0.73 -37.30
CA GLN C 195 0.96 0.18 -36.22
C GLN C 195 1.20 1.59 -36.78
N ARG C 196 1.86 1.67 -37.96
CA ARG C 196 2.12 2.96 -38.62
C ARG C 196 0.82 3.71 -38.86
N GLN C 197 -0.21 3.05 -39.41
CA GLN C 197 -1.52 3.64 -39.70
C GLN C 197 -2.20 4.09 -38.42
N ARG C 198 -2.14 3.28 -37.37
CA ARG C 198 -2.75 3.60 -36.08
C ARG C 198 -2.07 4.78 -35.37
N LEU C 199 -0.73 4.87 -35.43
CA LEU C 199 -0.01 5.99 -34.81
C LEU C 199 -0.30 7.28 -35.55
N GLN C 200 -0.42 7.20 -36.89
CA GLN C 200 -0.77 8.33 -37.74
C GLN C 200 -2.20 8.79 -37.42
N GLU C 201 -3.16 7.84 -37.26
CA GLU C 201 -4.58 8.12 -36.94
C GLU C 201 -4.65 8.80 -35.55
N ARG C 202 -3.82 8.34 -34.58
CA ARG C 202 -3.73 8.89 -33.23
CA ARG C 202 -3.72 8.88 -33.22
C ARG C 202 -3.32 10.36 -33.31
N LEU C 203 -2.33 10.68 -34.16
CA LEU C 203 -1.82 12.03 -34.40
C LEU C 203 -2.86 12.93 -35.08
N ASP C 204 -3.61 12.41 -36.07
CA ASP C 204 -4.60 13.14 -36.86
C ASP C 204 -6.00 13.28 -36.18
N ASN C 205 -6.22 12.58 -35.07
CA ASN C 205 -7.47 12.68 -34.32
C ASN C 205 -7.24 13.63 -33.13
N PRO C 206 -7.97 14.77 -33.07
CA PRO C 206 -7.75 15.73 -31.98
C PRO C 206 -8.12 15.20 -30.60
N GLU C 207 -8.94 14.12 -30.55
CA GLU C 207 -9.39 13.48 -29.32
C GLU C 207 -8.48 12.29 -28.93
N LYS C 208 -7.46 12.00 -29.76
CA LYS C 208 -6.52 10.90 -29.50
C LYS C 208 -5.05 11.35 -29.42
N ARG C 209 -4.72 12.52 -29.96
CA ARG C 209 -3.36 13.07 -30.00
C ARG C 209 -2.65 13.06 -28.64
N TRP C 210 -3.43 13.20 -27.54
CA TRP C 210 -2.92 13.16 -26.17
C TRP C 210 -2.19 11.87 -25.82
N LYS C 211 -2.54 10.76 -26.47
CA LYS C 211 -1.91 9.45 -26.24
C LYS C 211 -0.50 9.39 -26.85
N PHE C 212 -0.25 10.18 -27.92
CA PHE C 212 1.02 10.20 -28.63
C PHE C 212 2.13 10.88 -27.87
N ARG C 213 3.31 10.24 -27.87
CA ARG C 213 4.56 10.74 -27.27
C ARG C 213 5.71 10.57 -28.28
N MET C 214 6.80 11.37 -28.13
CA MET C 214 7.96 11.31 -29.03
C MET C 214 8.74 10.02 -28.84
N GLY C 215 8.65 9.44 -27.64
CA GLY C 215 9.26 8.16 -27.29
C GLY C 215 8.64 6.98 -28.01
N ASP C 216 7.39 7.13 -28.50
CA ASP C 216 6.67 6.10 -29.25
C ASP C 216 7.29 5.85 -30.64
N LEU C 217 7.97 6.89 -31.19
CA LEU C 217 8.67 6.82 -32.48
C LEU C 217 9.96 6.02 -32.34
N GLU C 218 10.57 6.02 -31.12
CA GLU C 218 11.80 5.30 -30.76
C GLU C 218 11.50 3.81 -30.60
N ASP C 219 10.35 3.48 -29.96
CA ASP C 219 9.87 2.11 -29.78
C ASP C 219 9.50 1.51 -31.15
N ARG C 220 9.02 2.37 -32.08
CA ARG C 220 8.66 2.00 -33.45
C ARG C 220 9.93 1.64 -34.26
N ARG C 221 11.04 2.39 -34.06
CA ARG C 221 12.34 2.15 -34.70
C ARG C 221 12.93 0.76 -34.29
N LEU C 222 12.66 0.31 -33.04
CA LEU C 222 13.11 -0.99 -32.50
C LEU C 222 12.04 -2.12 -32.71
N TRP C 223 11.15 -1.98 -33.72
CA TRP C 223 10.09 -2.95 -34.03
C TRP C 223 10.59 -4.40 -34.00
N ASP C 224 11.59 -4.72 -34.85
CA ASP C 224 12.15 -6.07 -34.96
C ASP C 224 12.68 -6.62 -33.64
N ARG C 225 13.37 -5.77 -32.85
CA ARG C 225 13.90 -6.17 -31.54
C ARG C 225 12.76 -6.50 -30.59
N TYR C 226 11.66 -5.73 -30.64
CA TYR C 226 10.50 -5.99 -29.78
C TYR C 226 9.80 -7.28 -30.16
N GLN C 227 9.67 -7.57 -31.46
CA GLN C 227 9.03 -8.81 -31.95
C GLN C 227 9.85 -10.02 -31.46
N GLU C 228 11.19 -9.93 -31.55
CA GLU C 228 12.08 -10.99 -31.05
C GLU C 228 11.88 -11.15 -29.52
N ALA C 229 11.77 -10.03 -28.78
CA ALA C 229 11.59 -10.03 -27.32
C ALA C 229 10.26 -10.66 -26.94
N TYR C 230 9.21 -10.38 -27.72
CA TYR C 230 7.88 -10.96 -27.52
C TYR C 230 7.89 -12.44 -27.80
N GLU C 231 8.51 -12.84 -28.91
CA GLU C 231 8.59 -14.25 -29.26
C GLU C 231 9.30 -15.03 -28.14
N ALA C 232 10.46 -14.52 -27.66
CA ALA C 232 11.21 -15.19 -26.60
C ALA C 232 10.39 -15.24 -25.31
N ALA C 233 9.72 -14.14 -24.90
CA ALA C 233 8.91 -14.13 -23.68
C ALA C 233 7.77 -15.15 -23.74
N ILE C 234 7.02 -15.20 -24.86
CA ILE C 234 5.91 -16.13 -25.00
C ILE C 234 6.38 -17.59 -25.02
N ARG C 235 7.45 -17.87 -25.78
CA ARG C 235 8.05 -19.20 -25.86
C ARG C 235 8.50 -19.70 -24.44
N GLU C 236 9.13 -18.81 -23.67
CA GLU C 236 9.65 -19.15 -22.33
C GLU C 236 8.57 -19.28 -21.25
N THR C 237 7.44 -18.58 -21.40
CA THR C 237 6.48 -18.51 -20.31
C THR C 237 5.08 -19.06 -20.59
N SER C 238 4.80 -19.52 -21.83
CA SER C 238 3.48 -20.11 -22.06
C SER C 238 3.50 -21.51 -21.44
N THR C 239 2.72 -21.69 -20.36
CA THR C 239 2.65 -22.96 -19.64
C THR C 239 1.21 -23.44 -19.59
N GLU C 240 0.97 -24.64 -19.05
CA GLU C 240 -0.36 -25.23 -18.91
C GLU C 240 -1.19 -24.42 -17.92
N TYR C 241 -0.58 -23.93 -16.83
CA TYR C 241 -1.25 -23.17 -15.78
C TYR C 241 -1.35 -21.67 -16.11
N ALA C 242 -0.59 -21.18 -17.08
CA ALA C 242 -0.63 -19.76 -17.45
C ALA C 242 -0.35 -19.67 -18.96
N PRO C 243 -1.36 -20.02 -19.79
CA PRO C 243 -1.14 -20.00 -21.25
C PRO C 243 -1.10 -18.62 -21.86
N TRP C 244 -0.34 -18.49 -22.94
CA TRP C 244 -0.35 -17.30 -23.77
C TRP C 244 -1.28 -17.63 -24.93
N TYR C 245 -2.04 -16.63 -25.37
CA TYR C 245 -2.90 -16.71 -26.54
C TYR C 245 -2.43 -15.60 -27.46
N VAL C 246 -2.09 -15.94 -28.72
CA VAL C 246 -1.67 -14.96 -29.72
C VAL C 246 -2.94 -14.58 -30.46
N ILE C 247 -3.33 -13.29 -30.35
CA ILE C 247 -4.56 -12.78 -30.93
C ILE C 247 -4.25 -11.97 -32.20
N PRO C 248 -4.64 -12.45 -33.41
CA PRO C 248 -4.48 -11.63 -34.63
C PRO C 248 -5.32 -10.38 -34.39
N ALA C 249 -4.67 -9.21 -34.36
CA ALA C 249 -5.36 -8.00 -33.88
C ALA C 249 -5.39 -6.83 -34.85
N ASN C 250 -5.10 -7.06 -36.14
CA ASN C 250 -5.20 -5.98 -37.13
C ASN C 250 -6.66 -5.59 -37.31
N LYS C 251 -7.61 -6.54 -37.11
CA LYS C 251 -9.06 -6.31 -37.21
C LYS C 251 -9.58 -6.31 -35.78
N ASN C 252 -9.99 -5.15 -35.29
CA ASN C 252 -10.51 -4.99 -33.93
C ASN C 252 -11.74 -5.85 -33.65
N TRP C 253 -12.65 -5.97 -34.62
CA TRP C 253 -13.84 -6.81 -34.48
C TRP C 253 -13.46 -8.27 -34.15
N TYR C 254 -12.40 -8.78 -34.81
CA TYR C 254 -11.94 -10.14 -34.60
C TYR C 254 -11.24 -10.27 -33.28
N ARG C 255 -10.37 -9.30 -32.98
CA ARG C 255 -9.64 -9.25 -31.72
C ARG C 255 -10.62 -9.29 -30.54
N ASN C 256 -11.62 -8.40 -30.55
CA ASN C 256 -12.61 -8.32 -29.46
C ASN C 256 -13.42 -9.60 -29.31
N TRP C 257 -13.87 -10.18 -30.42
CA TRP C 257 -14.63 -11.43 -30.41
C TRP C 257 -13.80 -12.59 -29.84
N LEU C 258 -12.55 -12.76 -30.37
CA LEU C 258 -11.67 -13.85 -29.94
C LEU C 258 -11.26 -13.78 -28.48
N VAL C 259 -10.89 -12.59 -28.01
CA VAL C 259 -10.54 -12.44 -26.60
C VAL C 259 -11.78 -12.77 -25.75
N SER C 260 -12.98 -12.24 -26.13
CA SER C 260 -14.23 -12.54 -25.40
C SER C 260 -14.55 -14.05 -25.40
N HIS C 261 -14.38 -14.73 -26.55
CA HIS C 261 -14.66 -16.16 -26.64
C HIS C 261 -13.77 -16.94 -25.67
N ILE C 262 -12.45 -16.69 -25.71
CA ILE C 262 -11.49 -17.38 -24.83
C ILE C 262 -11.80 -17.13 -23.35
N LEU C 263 -12.08 -15.87 -23.00
CA LEU C 263 -12.35 -15.51 -21.61
C LEU C 263 -13.63 -16.16 -21.09
N VAL C 264 -14.71 -16.06 -21.85
CA VAL C 264 -16.00 -16.65 -21.44
C VAL C 264 -15.87 -18.17 -21.27
N GLU C 265 -15.25 -18.86 -22.23
CA GLU C 265 -15.06 -20.31 -22.17
C GLU C 265 -14.27 -20.69 -20.90
N THR C 266 -13.21 -19.93 -20.61
CA THR C 266 -12.40 -20.19 -19.42
C THR C 266 -13.25 -20.02 -18.14
N LEU C 267 -13.99 -18.91 -18.03
CA LEU C 267 -14.81 -18.66 -16.85
C LEU C 267 -15.93 -19.70 -16.69
N GLU C 268 -16.55 -20.13 -17.81
CA GLU C 268 -17.59 -21.19 -17.77
C GLU C 268 -17.02 -22.48 -17.20
N GLY C 269 -15.77 -22.81 -17.59
CA GLY C 269 -15.09 -24.02 -17.14
C GLY C 269 -14.81 -24.07 -15.64
N LEU C 270 -14.93 -22.93 -14.95
CA LEU C 270 -14.71 -22.88 -13.50
C LEU C 270 -15.91 -23.46 -12.72
N ALA C 271 -17.08 -23.58 -13.37
CA ALA C 271 -18.32 -24.13 -12.79
C ALA C 271 -18.70 -23.43 -11.48
N MET C 272 -18.68 -22.09 -11.50
CA MET C 272 -18.98 -21.28 -10.31
C MET C 272 -20.44 -21.39 -9.91
N GLN C 273 -20.73 -21.41 -8.60
CA GLN C 273 -22.08 -21.56 -8.05
C GLN C 273 -22.38 -20.41 -7.09
N TYR C 274 -23.61 -19.89 -7.12
CA TYR C 274 -24.04 -18.87 -6.17
C TYR C 274 -24.05 -19.49 -4.77
N PRO C 275 -23.46 -18.83 -3.73
CA PRO C 275 -23.50 -19.41 -2.37
C PRO C 275 -24.91 -19.63 -1.85
N GLN C 276 -25.10 -20.67 -1.03
CA GLN C 276 -26.40 -20.98 -0.43
C GLN C 276 -26.41 -20.74 1.07
N MET D 21 30.01 -21.01 11.32
CA MET D 21 29.44 -20.55 10.05
C MET D 21 29.14 -21.73 9.12
N LYS D 22 30.16 -22.57 8.83
CA LYS D 22 30.10 -23.78 8.00
C LYS D 22 29.23 -24.86 8.64
N LYS D 23 29.47 -25.15 9.94
CA LYS D 23 28.75 -26.17 10.70
C LYS D 23 27.25 -25.88 10.88
N TYR D 24 26.88 -24.60 11.09
CA TYR D 24 25.48 -24.21 11.30
C TYR D 24 24.72 -23.92 10.02
N ARG D 25 25.43 -23.75 8.88
CA ARG D 25 24.82 -23.52 7.57
C ARG D 25 24.28 -24.84 7.04
N VAL D 26 22.99 -24.89 6.71
CA VAL D 26 22.37 -26.10 6.17
C VAL D 26 22.72 -26.19 4.66
N GLN D 27 23.52 -27.20 4.28
CA GLN D 27 23.95 -27.41 2.89
C GLN D 27 22.76 -27.75 2.00
N PRO D 28 22.75 -27.28 0.73
CA PRO D 28 21.60 -27.57 -0.14
C PRO D 28 21.60 -28.97 -0.77
N ASP D 29 21.84 -30.01 0.03
CA ASP D 29 21.90 -31.40 -0.44
C ASP D 29 20.62 -32.22 -0.12
N GLY D 30 19.64 -31.58 0.51
CA GLY D 30 18.38 -32.20 0.91
C GLY D 30 18.54 -33.34 1.89
N ARG D 31 19.60 -33.31 2.72
CA ARG D 31 19.91 -34.36 3.68
C ARG D 31 19.92 -33.88 5.14
N PHE D 32 19.35 -32.68 5.38
CA PHE D 32 19.29 -32.08 6.71
C PHE D 32 18.51 -32.93 7.72
N GLU D 33 19.09 -33.14 8.90
CA GLU D 33 18.48 -33.84 10.02
C GLU D 33 18.59 -32.95 11.24
N LEU D 34 17.46 -32.49 11.78
CA LEU D 34 17.38 -31.62 12.94
C LEU D 34 17.98 -32.25 14.21
N LYS D 35 17.92 -33.59 14.35
CA LYS D 35 18.50 -34.34 15.48
C LYS D 35 20.03 -34.15 15.63
N ARG D 36 20.71 -33.71 14.55
CA ARG D 36 22.15 -33.48 14.53
C ARG D 36 22.54 -32.14 15.17
N PHE D 37 21.53 -31.32 15.53
CA PHE D 37 21.75 -30.03 16.16
C PHE D 37 21.20 -30.05 17.57
N ASP D 38 22.06 -29.79 18.54
CA ASP D 38 21.73 -29.79 19.96
C ASP D 38 21.45 -28.35 20.40
N PRO D 39 20.24 -28.06 20.93
CA PRO D 39 19.95 -26.69 21.40
C PRO D 39 20.93 -26.11 22.45
N ASP D 40 21.61 -27.00 23.20
CA ASP D 40 22.58 -26.64 24.25
C ASP D 40 24.05 -26.55 23.77
N ASP D 41 24.28 -26.74 22.47
CA ASP D 41 25.60 -26.69 21.85
C ASP D 41 26.17 -25.28 21.85
N THR D 42 27.39 -25.09 22.37
CA THR D 42 28.06 -23.79 22.38
C THR D 42 29.49 -23.93 21.84
N SER D 43 29.76 -25.01 21.07
CA SER D 43 31.10 -25.41 20.61
C SER D 43 31.84 -24.41 19.69
N ALA D 44 31.14 -23.48 19.00
CA ALA D 44 31.83 -22.51 18.14
C ALA D 44 32.46 -21.36 18.94
N PHE D 45 32.09 -21.21 20.22
CA PHE D 45 32.64 -20.18 21.08
C PHE D 45 33.40 -20.79 22.28
N GLU D 46 34.63 -20.33 22.55
CA GLU D 46 35.43 -20.93 23.62
C GLU D 46 35.24 -20.36 25.05
N GLY D 47 35.23 -19.04 25.21
CA GLY D 47 35.27 -18.38 26.51
C GLY D 47 34.15 -18.40 27.53
N GLY D 48 32.95 -18.85 27.15
CA GLY D 48 31.79 -18.82 28.06
C GLY D 48 31.00 -17.52 27.98
N LYS D 49 29.89 -17.39 28.78
CA LYS D 49 28.95 -16.25 28.79
C LYS D 49 29.63 -14.88 28.85
N GLN D 50 30.47 -14.63 29.86
CA GLN D 50 31.11 -13.31 30.01
C GLN D 50 31.97 -12.92 28.82
N ALA D 51 32.80 -13.84 28.30
CA ALA D 51 33.63 -13.57 27.13
C ALA D 51 32.74 -13.33 25.89
N ALA D 52 31.63 -14.08 25.77
CA ALA D 52 30.70 -13.95 24.65
C ALA D 52 29.99 -12.60 24.63
N LEU D 53 29.70 -12.02 25.80
CA LEU D 53 29.06 -10.71 25.90
C LEU D 53 29.99 -9.62 25.35
N GLU D 54 31.29 -9.73 25.65
CA GLU D 54 32.31 -8.80 25.15
C GLU D 54 32.49 -8.96 23.65
N ALA D 55 32.56 -10.23 23.15
CA ALA D 55 32.67 -10.55 21.73
C ALA D 55 31.45 -10.02 20.97
N LEU D 56 30.25 -10.16 21.57
CA LEU D 56 29.00 -9.68 20.99
C LEU D 56 29.04 -8.15 20.85
N ALA D 57 29.53 -7.41 21.87
CA ALA D 57 29.62 -5.94 21.82
C ALA D 57 30.52 -5.47 20.65
N VAL D 58 31.64 -6.19 20.40
CA VAL D 58 32.56 -5.91 19.29
C VAL D 58 31.83 -6.17 17.95
N LEU D 59 31.12 -7.31 17.82
CA LEU D 59 30.36 -7.63 16.60
C LEU D 59 29.24 -6.62 16.38
N ASN D 60 28.57 -6.17 17.47
CA ASN D 60 27.47 -5.20 17.39
C ASN D 60 27.98 -3.88 16.82
N ARG D 61 29.15 -3.40 17.30
CA ARG D 61 29.74 -2.17 16.78
C ARG D 61 30.08 -2.32 15.29
N ARG D 62 30.62 -3.50 14.87
CA ARG D 62 30.91 -3.79 13.47
C ARG D 62 29.61 -3.76 12.64
N LEU D 63 28.52 -4.35 13.19
CA LEU D 63 27.20 -4.37 12.53
C LEU D 63 26.65 -2.95 12.33
N GLU D 64 26.78 -2.10 13.36
CA GLU D 64 26.32 -0.71 13.26
C GLU D 64 27.03 0.00 12.09
N LYS D 65 28.37 -0.19 11.95
CA LYS D 65 29.15 0.41 10.86
C LYS D 65 28.78 -0.19 9.49
N LEU D 66 28.54 -1.50 9.43
CA LEU D 66 28.13 -2.17 8.19
C LEU D 66 26.74 -1.69 7.75
N GLN D 67 25.82 -1.45 8.70
CA GLN D 67 24.49 -0.95 8.35
C GLN D 67 24.59 0.46 7.77
N GLU D 68 25.43 1.33 8.36
CA GLU D 68 25.60 2.71 7.87
C GLU D 68 26.11 2.71 6.43
N LEU D 69 27.01 1.77 6.12
CA LEU D 69 27.57 1.54 4.81
C LEU D 69 26.52 0.98 3.83
N LEU D 70 25.74 -0.03 4.26
CA LEU D 70 24.64 -0.59 3.46
C LEU D 70 23.69 0.52 3.02
N TYR D 71 23.30 1.38 3.97
CA TYR D 71 22.38 2.50 3.73
C TYR D 71 22.98 3.54 2.80
N ALA D 72 24.26 3.94 3.03
CA ALA D 72 24.98 4.93 2.22
C ALA D 72 25.17 4.47 0.78
N GLU D 73 25.61 3.20 0.59
CA GLU D 73 25.80 2.62 -0.75
C GLU D 73 24.45 2.51 -1.50
N GLY D 74 23.38 2.19 -0.76
CA GLY D 74 22.02 2.12 -1.28
C GLY D 74 21.80 1.20 -2.46
N GLN D 75 22.49 0.06 -2.50
CA GLN D 75 22.36 -0.90 -3.60
C GLN D 75 21.81 -2.24 -3.14
N HIS D 76 22.41 -2.83 -2.09
CA HIS D 76 21.99 -4.14 -1.55
C HIS D 76 20.72 -4.03 -0.72
N LYS D 77 19.93 -5.10 -0.69
CA LYS D 77 18.73 -5.22 0.13
C LYS D 77 19.08 -6.40 1.04
N VAL D 78 18.83 -6.30 2.35
CA VAL D 78 19.20 -7.40 3.27
C VAL D 78 17.98 -7.89 3.99
N LEU D 79 17.69 -9.19 3.87
CA LEU D 79 16.54 -9.78 4.52
C LEU D 79 17.00 -10.81 5.53
N VAL D 80 16.59 -10.62 6.78
CA VAL D 80 16.90 -11.56 7.86
C VAL D 80 15.59 -12.20 8.26
N VAL D 81 15.47 -13.51 8.13
CA VAL D 81 14.27 -14.23 8.51
C VAL D 81 14.52 -14.91 9.86
N LEU D 82 13.60 -14.73 10.81
CA LEU D 82 13.70 -15.38 12.10
C LEU D 82 12.51 -16.32 12.28
N GLN D 83 12.80 -17.60 12.50
CA GLN D 83 11.77 -18.60 12.78
C GLN D 83 12.21 -19.34 14.03
N ALA D 84 11.24 -19.73 14.87
CA ALA D 84 11.49 -20.46 16.13
C ALA D 84 10.17 -20.89 16.70
N MET D 85 10.19 -21.88 17.60
CA MET D 85 9.01 -22.26 18.36
C MET D 85 8.69 -21.06 19.25
N ASP D 86 7.46 -20.96 19.80
CA ASP D 86 7.13 -19.85 20.70
C ASP D 86 8.12 -19.85 21.88
N ALA D 87 8.60 -18.66 22.28
CA ALA D 87 9.62 -18.45 23.32
C ALA D 87 11.06 -18.85 22.88
N GLY D 88 11.20 -19.16 21.58
CA GLY D 88 12.46 -19.55 20.96
C GLY D 88 13.52 -18.48 20.83
N GLY D 89 13.15 -17.23 21.10
CA GLY D 89 14.09 -16.12 21.09
C GLY D 89 14.02 -15.11 19.95
N LYS D 90 12.92 -15.09 19.19
CA LYS D 90 12.80 -14.16 18.04
C LYS D 90 12.83 -12.70 18.50
N ASP D 91 12.00 -12.34 19.50
CA ASP D 91 11.96 -10.98 20.02
C ASP D 91 13.28 -10.52 20.65
N GLY D 92 13.89 -11.40 21.44
CA GLY D 92 15.16 -11.16 22.12
C GLY D 92 16.31 -10.98 21.16
N THR D 93 16.35 -11.77 20.06
CA THR D 93 17.38 -11.68 19.03
C THR D 93 17.31 -10.31 18.35
N ILE D 94 16.08 -9.85 17.99
CA ILE D 94 15.93 -8.53 17.37
C ILE D 94 16.45 -7.45 18.33
N ARG D 95 15.98 -7.49 19.57
CA ARG D 95 16.33 -6.52 20.59
C ARG D 95 17.84 -6.44 20.83
N VAL D 96 18.52 -7.59 20.95
CA VAL D 96 19.96 -7.61 21.32
C VAL D 96 20.86 -7.46 20.10
N VAL D 97 20.67 -8.29 19.07
CA VAL D 97 21.52 -8.24 17.86
C VAL D 97 21.50 -6.86 17.18
N PHE D 98 20.33 -6.21 17.11
CA PHE D 98 20.20 -4.94 16.42
C PHE D 98 20.24 -3.72 17.36
N ASP D 99 20.68 -3.94 18.60
CA ASP D 99 20.84 -2.89 19.59
C ASP D 99 21.80 -1.80 19.07
N GLY D 100 21.29 -0.57 18.95
CA GLY D 100 22.09 0.56 18.50
C GLY D 100 22.16 0.74 17.00
N VAL D 101 21.61 -0.20 16.24
CA VAL D 101 21.61 -0.12 14.78
C VAL D 101 20.61 0.98 14.39
N ASN D 102 21.03 1.91 13.54
CA ASN D 102 20.24 3.07 13.13
C ASN D 102 18.82 2.69 12.67
N PRO D 103 17.76 3.16 13.39
CA PRO D 103 16.36 2.85 13.01
C PRO D 103 16.03 3.28 11.57
N SER D 104 16.75 4.27 11.02
CA SER D 104 16.51 4.72 9.64
C SER D 104 16.79 3.61 8.61
N GLY D 105 17.67 2.66 8.94
CA GLY D 105 18.00 1.61 7.97
C GLY D 105 17.62 0.20 8.36
N VAL D 106 16.92 0.03 9.51
CA VAL D 106 16.49 -1.28 10.02
CA VAL D 106 16.50 -1.29 10.00
C VAL D 106 14.99 -1.26 10.28
N ARG D 107 14.28 -2.26 9.75
CA ARG D 107 12.82 -2.35 9.89
C ARG D 107 12.42 -3.77 10.22
N VAL D 108 11.47 -3.92 11.13
CA VAL D 108 10.95 -5.26 11.49
C VAL D 108 9.57 -5.40 10.87
N ALA D 109 9.30 -6.53 10.23
CA ALA D 109 7.98 -6.89 9.71
C ALA D 109 7.61 -8.18 10.47
N SER D 110 6.56 -8.13 11.28
CA SER D 110 6.10 -9.30 12.04
C SER D 110 4.90 -9.89 11.33
N PHE D 111 4.84 -11.20 11.21
CA PHE D 111 3.73 -11.86 10.54
C PHE D 111 2.95 -12.72 11.52
N GLY D 112 1.75 -12.26 11.88
CA GLY D 112 0.87 -12.99 12.76
C GLY D 112 -0.20 -13.72 11.98
N VAL D 113 -1.31 -14.07 12.65
CA VAL D 113 -2.44 -14.74 12.01
C VAL D 113 -2.98 -13.89 10.83
N PRO D 114 -3.09 -14.50 9.62
CA PRO D 114 -3.57 -13.73 8.46
C PRO D 114 -4.98 -13.17 8.61
N THR D 115 -5.20 -11.96 8.10
CA THR D 115 -6.51 -11.32 8.10
C THR D 115 -7.29 -11.86 6.88
N GLU D 116 -8.59 -11.50 6.78
CA GLU D 116 -9.43 -11.88 5.66
C GLU D 116 -8.90 -11.28 4.34
N GLN D 117 -8.39 -10.04 4.37
CA GLN D 117 -7.79 -9.39 3.20
C GLN D 117 -6.53 -10.13 2.72
N GLU D 118 -5.70 -10.55 3.67
CA GLU D 118 -4.46 -11.27 3.36
C GLU D 118 -4.76 -12.66 2.80
N LEU D 119 -5.76 -13.35 3.38
CA LEU D 119 -6.20 -14.67 2.94
C LEU D 119 -6.94 -14.61 1.58
N ALA D 120 -7.38 -13.41 1.15
CA ALA D 120 -8.07 -13.22 -0.14
C ALA D 120 -7.06 -13.20 -1.33
N ARG D 121 -5.74 -13.13 -1.03
CA ARG D 121 -4.68 -13.21 -2.05
C ARG D 121 -3.82 -14.42 -1.68
N ASP D 122 -2.91 -14.82 -2.56
CA ASP D 122 -1.98 -15.93 -2.26
C ASP D 122 -1.20 -15.61 -0.97
N TYR D 123 -0.72 -16.64 -0.27
CA TYR D 123 0.02 -16.49 0.98
C TYR D 123 1.31 -15.63 0.85
N LEU D 124 1.88 -15.54 -0.35
CA LEU D 124 3.09 -14.73 -0.51
C LEU D 124 2.80 -13.22 -0.68
N TRP D 125 1.56 -12.84 -1.00
CA TRP D 125 1.19 -11.44 -1.22
C TRP D 125 1.57 -10.53 -0.05
N ARG D 126 1.16 -10.87 1.18
CA ARG D 126 1.43 -10.03 2.35
C ARG D 126 2.90 -10.02 2.69
N VAL D 127 3.61 -11.08 2.31
CA VAL D 127 5.03 -11.22 2.60
C VAL D 127 5.85 -10.37 1.63
N HIS D 128 5.57 -10.50 0.33
CA HIS D 128 6.29 -9.77 -0.72
C HIS D 128 6.18 -8.27 -0.46
N GLN D 129 5.01 -7.79 0.03
CA GLN D 129 4.79 -6.37 0.36
CA GLN D 129 4.83 -6.36 0.32
C GLN D 129 5.93 -5.79 1.24
N GLN D 130 6.40 -6.59 2.19
CA GLN D 130 7.37 -6.18 3.21
C GLN D 130 8.84 -6.37 2.93
N VAL D 131 9.20 -6.90 1.75
CA VAL D 131 10.62 -7.14 1.46
C VAL D 131 11.49 -5.88 1.61
N PRO D 132 12.79 -6.02 1.94
CA PRO D 132 13.63 -4.81 2.06
C PRO D 132 13.82 -4.11 0.73
N ARG D 133 13.90 -2.78 0.77
CA ARG D 133 14.20 -1.97 -0.40
C ARG D 133 15.74 -1.78 -0.42
N LYS D 134 16.28 -1.17 -1.50
CA LYS D 134 17.72 -0.92 -1.63
C LYS D 134 18.21 -0.08 -0.45
N GLY D 135 19.33 -0.50 0.16
CA GLY D 135 19.95 0.16 1.30
C GLY D 135 19.33 -0.14 2.65
N GLU D 136 18.33 -1.03 2.68
CA GLU D 136 17.58 -1.36 3.89
C GLU D 136 17.83 -2.77 4.38
N LEU D 137 17.80 -2.94 5.72
CA LEU D 137 17.91 -4.24 6.37
C LEU D 137 16.55 -4.52 7.01
N VAL D 138 15.89 -5.60 6.58
CA VAL D 138 14.57 -5.96 7.12
C VAL D 138 14.66 -7.26 7.86
N ILE D 139 14.03 -7.32 9.04
CA ILE D 139 13.92 -8.54 9.83
C ILE D 139 12.48 -9.04 9.75
N PHE D 140 12.28 -10.29 9.33
CA PHE D 140 10.95 -10.92 9.32
C PHE D 140 10.85 -11.68 10.64
N ASN D 141 9.99 -11.22 11.55
CA ASN D 141 9.72 -11.92 12.82
C ASN D 141 8.54 -12.84 12.46
N ARG D 142 8.87 -14.10 12.12
CA ARG D 142 7.98 -15.08 11.47
C ARG D 142 7.92 -14.61 10.01
N SER D 143 7.40 -15.43 9.08
CA SER D 143 7.51 -15.09 7.68
C SER D 143 6.59 -15.97 6.84
N HIS D 144 6.90 -16.04 5.54
CA HIS D 144 6.23 -16.94 4.58
C HIS D 144 6.38 -18.43 5.00
N TYR D 145 7.39 -18.76 5.85
CA TYR D 145 7.57 -20.15 6.34
C TYR D 145 6.38 -20.63 7.17
N GLU D 146 5.61 -19.72 7.76
CA GLU D 146 4.43 -20.10 8.53
C GLU D 146 3.43 -20.88 7.64
N ASP D 147 3.44 -20.62 6.33
CA ASP D 147 2.53 -21.26 5.37
C ASP D 147 2.93 -22.70 4.99
N VAL D 148 4.04 -23.23 5.57
CA VAL D 148 4.45 -24.65 5.45
C VAL D 148 4.67 -25.20 6.87
N LEU D 149 4.22 -24.46 7.89
CA LEU D 149 4.39 -24.88 9.28
C LEU D 149 3.01 -25.22 9.90
N VAL D 150 2.19 -24.24 10.31
CA VAL D 150 0.85 -24.47 10.91
C VAL D 150 -0.12 -25.34 10.05
N VAL D 151 -0.27 -25.07 8.71
CA VAL D 151 -1.19 -25.89 7.86
C VAL D 151 -0.74 -27.34 7.74
N ARG D 152 0.57 -27.59 7.80
CA ARG D 152 1.07 -28.96 7.75
C ARG D 152 0.83 -29.63 9.10
N VAL D 153 1.33 -28.99 10.18
CA VAL D 153 1.22 -29.50 11.56
C VAL D 153 -0.21 -29.89 11.93
N LYS D 154 -1.16 -29.01 11.62
CA LYS D 154 -2.55 -29.24 11.96
C LYS D 154 -3.37 -29.82 10.80
N ASN D 155 -2.73 -30.07 9.62
CA ASN D 155 -3.38 -30.63 8.41
C ASN D 155 -4.65 -29.86 8.01
N LEU D 156 -4.55 -28.53 8.01
CA LEU D 156 -5.66 -27.65 7.65
C LEU D 156 -5.89 -27.65 6.14
N VAL D 157 -4.83 -27.94 5.35
CA VAL D 157 -4.89 -28.05 3.89
C VAL D 157 -4.27 -29.39 3.54
N PRO D 158 -4.70 -30.02 2.42
CA PRO D 158 -4.09 -31.30 2.05
C PRO D 158 -2.62 -31.16 1.70
N GLN D 159 -1.86 -32.28 1.80
CA GLN D 159 -0.43 -32.34 1.48
C GLN D 159 -0.22 -31.86 0.05
N GLN D 160 -1.17 -32.15 -0.86
CA GLN D 160 -1.13 -31.73 -2.26
C GLN D 160 -1.01 -30.21 -2.43
N VAL D 161 -1.53 -29.44 -1.45
CA VAL D 161 -1.48 -27.99 -1.41
C VAL D 161 -0.15 -27.49 -0.79
N TRP D 162 0.15 -27.86 0.46
CA TRP D 162 1.35 -27.31 1.10
C TRP D 162 2.67 -27.85 0.57
N GLN D 163 2.70 -29.07 0.02
CA GLN D 163 3.93 -29.64 -0.53
C GLN D 163 4.41 -28.81 -1.73
N LYS D 164 3.48 -28.20 -2.50
CA LYS D 164 3.83 -27.36 -3.64
C LYS D 164 4.51 -26.06 -3.22
N ARG D 165 4.31 -25.64 -1.97
CA ARG D 165 4.82 -24.37 -1.45
C ARG D 165 6.33 -24.36 -1.22
N TYR D 166 6.96 -25.53 -1.01
CA TYR D 166 8.42 -25.56 -0.87
C TYR D 166 9.05 -25.00 -2.16
N ARG D 167 8.57 -25.47 -3.34
CA ARG D 167 9.05 -24.95 -4.64
C ARG D 167 8.72 -23.47 -4.76
N HIS D 168 7.48 -23.04 -4.43
CA HIS D 168 7.11 -21.61 -4.54
C HIS D 168 8.11 -20.76 -3.73
N ILE D 169 8.42 -21.19 -2.50
CA ILE D 169 9.34 -20.48 -1.60
C ILE D 169 10.75 -20.43 -2.16
N ARG D 170 11.30 -21.58 -2.63
CA ARG D 170 12.64 -21.60 -3.24
C ARG D 170 12.71 -20.62 -4.40
N GLU D 171 11.65 -20.59 -5.24
CA GLU D 171 11.64 -19.75 -6.42
C GLU D 171 11.40 -18.28 -6.14
N PHE D 172 10.61 -17.97 -5.12
CA PHE D 172 10.37 -16.59 -4.69
C PHE D 172 11.71 -16.04 -4.15
N GLU D 173 12.39 -16.82 -3.29
CA GLU D 173 13.69 -16.43 -2.75
C GLU D 173 14.77 -16.34 -3.85
N ARG D 174 14.70 -17.21 -4.87
CA ARG D 174 15.66 -17.15 -6.00
C ARG D 174 15.47 -15.83 -6.74
N MET D 175 14.20 -15.42 -6.97
CA MET D 175 13.89 -14.17 -7.65
C MET D 175 14.41 -12.99 -6.81
N LEU D 176 14.12 -12.97 -5.50
CA LEU D 176 14.62 -11.90 -4.60
C LEU D 176 16.15 -11.82 -4.64
N ALA D 177 16.85 -12.96 -4.54
CA ALA D 177 18.33 -12.99 -4.54
C ALA D 177 18.89 -12.53 -5.88
N ASP D 178 18.33 -13.04 -7.01
CA ASP D 178 18.77 -12.64 -8.34
C ASP D 178 18.65 -11.13 -8.54
N GLU D 179 17.61 -10.56 -7.95
CA GLU D 179 17.32 -9.13 -8.09
C GLU D 179 18.01 -8.24 -7.03
N GLY D 180 18.92 -8.80 -6.23
CA GLY D 180 19.72 -8.00 -5.31
C GLY D 180 19.52 -8.16 -3.82
N THR D 181 18.70 -9.10 -3.37
CA THR D 181 18.52 -9.30 -1.93
C THR D 181 19.45 -10.37 -1.37
N THR D 182 20.18 -10.04 -0.29
CA THR D 182 21.00 -11.00 0.46
C THR D 182 20.04 -11.57 1.51
N ILE D 183 19.85 -12.87 1.49
CA ILE D 183 18.90 -13.50 2.40
C ILE D 183 19.58 -14.36 3.44
N LEU D 184 19.23 -14.19 4.71
CA LEU D 184 19.76 -15.01 5.80
C LEU D 184 18.54 -15.51 6.56
N LYS D 185 18.44 -16.81 6.72
CA LYS D 185 17.32 -17.40 7.45
C LYS D 185 17.88 -18.11 8.67
N PHE D 186 17.39 -17.70 9.84
CA PHE D 186 17.82 -18.28 11.10
C PHE D 186 16.73 -19.07 11.78
N PHE D 187 17.01 -20.34 12.08
CA PHE D 187 16.09 -21.14 12.88
C PHE D 187 16.67 -21.16 14.28
N LEU D 188 15.99 -20.51 15.23
CA LEU D 188 16.46 -20.44 16.63
C LEU D 188 15.95 -21.67 17.31
N HIS D 189 16.87 -22.62 17.54
CA HIS D 189 16.56 -23.96 18.00
C HIS D 189 16.65 -24.14 19.52
N ILE D 190 15.48 -24.24 20.18
CA ILE D 190 15.39 -24.49 21.63
C ILE D 190 14.82 -25.90 21.86
N SER D 191 15.05 -26.48 23.05
CA SER D 191 14.53 -27.79 23.42
C SER D 191 13.12 -27.62 24.00
N LYS D 192 12.34 -28.73 24.04
CA LYS D 192 10.97 -28.76 24.58
C LYS D 192 10.93 -28.32 26.05
N ASP D 193 11.91 -28.78 26.85
CA ASP D 193 12.01 -28.42 28.27
C ASP D 193 12.35 -26.95 28.46
N GLU D 194 13.23 -26.40 27.59
CA GLU D 194 13.59 -24.98 27.63
C GLU D 194 12.36 -24.13 27.34
N GLN D 195 11.54 -24.55 26.36
CA GLN D 195 10.30 -23.85 26.03
C GLN D 195 9.38 -23.77 27.25
N ARG D 196 9.21 -24.92 27.94
CA ARG D 196 8.38 -25.03 29.13
C ARG D 196 8.79 -24.00 30.21
N GLN D 197 10.10 -23.91 30.51
CA GLN D 197 10.65 -22.99 31.50
C GLN D 197 10.40 -21.54 31.11
N ARG D 198 10.60 -21.23 29.81
CA ARG D 198 10.42 -19.87 29.30
C ARG D 198 8.96 -19.45 29.31
N LEU D 199 8.03 -20.36 28.95
CA LEU D 199 6.59 -20.09 28.95
C LEU D 199 6.07 -19.86 30.37
N GLN D 200 6.64 -20.57 31.35
CA GLN D 200 6.33 -20.41 32.77
C GLN D 200 6.85 -19.06 33.27
N GLU D 201 8.10 -18.69 32.89
CA GLU D 201 8.73 -17.42 33.26
C GLU D 201 7.95 -16.22 32.67
N ARG D 202 7.44 -16.37 31.43
CA ARG D 202 6.64 -15.36 30.73
C ARG D 202 5.35 -15.09 31.51
N LEU D 203 4.72 -16.16 32.01
CA LEU D 203 3.49 -16.13 32.81
C LEU D 203 3.73 -15.47 34.18
N ASP D 204 4.87 -15.80 34.85
CA ASP D 204 5.23 -15.29 36.18
C ASP D 204 5.84 -13.88 36.19
N ASN D 205 6.15 -13.32 35.00
CA ASN D 205 6.70 -11.96 34.88
C ASN D 205 5.55 -10.99 34.54
N PRO D 206 5.28 -9.99 35.42
CA PRO D 206 4.17 -9.05 35.16
C PRO D 206 4.39 -8.15 33.93
N GLU D 207 5.65 -7.96 33.51
CA GLU D 207 6.01 -7.15 32.34
C GLU D 207 6.09 -8.01 31.06
N LYS D 208 5.91 -9.34 31.18
CA LYS D 208 5.97 -10.26 30.04
C LYS D 208 4.64 -10.99 29.76
N ARG D 209 3.77 -11.16 30.79
CA ARG D 209 2.48 -11.86 30.73
C ARG D 209 1.59 -11.46 29.53
N TRP D 210 1.56 -10.14 29.18
CA TRP D 210 0.77 -9.57 28.08
C TRP D 210 0.99 -10.31 26.74
N LYS D 211 2.20 -10.88 26.54
CA LYS D 211 2.61 -11.64 25.35
C LYS D 211 1.92 -13.02 25.28
N PHE D 212 1.74 -13.68 26.45
CA PHE D 212 1.16 -15.02 26.58
C PHE D 212 -0.30 -15.13 26.13
N ARG D 213 -0.59 -16.16 25.32
CA ARG D 213 -1.90 -16.51 24.79
C ARG D 213 -2.21 -17.98 25.11
N MET D 214 -3.50 -18.33 25.25
CA MET D 214 -3.93 -19.69 25.55
C MET D 214 -3.58 -20.68 24.43
N GLY D 215 -3.57 -20.19 23.19
CA GLY D 215 -3.22 -20.95 21.99
C GLY D 215 -1.81 -21.48 21.96
N ASP D 216 -0.91 -20.87 22.76
CA ASP D 216 0.50 -21.28 22.89
C ASP D 216 0.62 -22.68 23.53
N LEU D 217 -0.35 -23.05 24.41
CA LEU D 217 -0.41 -24.36 25.08
C LEU D 217 -0.89 -25.45 24.12
N GLU D 218 -1.83 -25.09 23.22
CA GLU D 218 -2.41 -25.95 22.18
C GLU D 218 -1.31 -26.42 21.20
N ASP D 219 -0.37 -25.51 20.84
CA ASP D 219 0.75 -25.79 19.96
C ASP D 219 1.84 -26.63 20.65
N ARG D 220 1.86 -26.62 22.00
CA ARG D 220 2.85 -27.37 22.77
C ARG D 220 2.66 -28.88 22.69
N ARG D 221 1.40 -29.35 22.65
CA ARG D 221 1.04 -30.77 22.48
C ARG D 221 1.56 -31.25 21.11
N LEU D 222 1.61 -30.34 20.12
CA LEU D 222 2.06 -30.60 18.75
C LEU D 222 3.56 -30.36 18.54
N TRP D 223 4.36 -30.29 19.64
CA TRP D 223 5.82 -30.06 19.58
C TRP D 223 6.51 -30.89 18.49
N ASP D 224 6.38 -32.23 18.57
CA ASP D 224 6.98 -33.16 17.62
C ASP D 224 6.60 -32.91 16.18
N ARG D 225 5.32 -32.59 15.92
CA ARG D 225 4.84 -32.30 14.56
C ARG D 225 5.45 -30.98 14.04
N TYR D 226 5.69 -30.00 14.93
CA TYR D 226 6.33 -28.73 14.54
C TYR D 226 7.81 -28.95 14.22
N GLN D 227 8.49 -29.81 15.00
CA GLN D 227 9.92 -30.12 14.79
C GLN D 227 10.09 -30.79 13.42
N GLU D 228 9.19 -31.73 13.09
CA GLU D 228 9.16 -32.41 11.79
C GLU D 228 8.89 -31.41 10.66
N ALA D 229 7.91 -30.50 10.86
CA ALA D 229 7.56 -29.47 9.86
C ALA D 229 8.74 -28.53 9.63
N TYR D 230 9.46 -28.13 10.69
CA TYR D 230 10.65 -27.28 10.59
C TYR D 230 11.77 -27.98 9.85
N GLU D 231 12.06 -29.25 10.21
CA GLU D 231 13.08 -30.04 9.54
C GLU D 231 12.81 -30.13 8.04
N ALA D 232 11.57 -30.47 7.66
CA ALA D 232 11.17 -30.58 6.25
C ALA D 232 11.30 -29.23 5.54
N ALA D 233 10.84 -28.12 6.16
CA ALA D 233 10.93 -26.79 5.54
C ALA D 233 12.40 -26.40 5.30
N ILE D 234 13.25 -26.65 6.30
CA ILE D 234 14.68 -26.33 6.22
C ILE D 234 15.36 -27.14 5.12
N ARG D 235 15.13 -28.46 5.11
CA ARG D 235 15.68 -29.40 4.10
C ARG D 235 15.30 -28.96 2.68
N GLU D 236 14.04 -28.61 2.50
CA GLU D 236 13.49 -28.23 1.19
C GLU D 236 13.93 -26.87 0.69
N THR D 237 14.20 -25.94 1.60
CA THR D 237 14.42 -24.54 1.16
C THR D 237 15.80 -23.97 1.46
N SER D 238 16.71 -24.74 2.08
CA SER D 238 18.04 -24.20 2.31
C SER D 238 18.79 -24.32 0.99
N THR D 239 19.08 -23.19 0.39
CA THR D 239 19.76 -23.18 -0.91
C THR D 239 21.03 -22.33 -0.79
N GLU D 240 21.84 -22.29 -1.85
CA GLU D 240 23.07 -21.50 -1.89
C GLU D 240 22.75 -19.99 -1.81
N TYR D 241 21.67 -19.56 -2.49
CA TYR D 241 21.26 -18.15 -2.54
C TYR D 241 20.41 -17.74 -1.34
N ALA D 242 19.88 -18.70 -0.58
CA ALA D 242 19.04 -18.40 0.60
C ALA D 242 19.27 -19.49 1.64
N PRO D 243 20.43 -19.45 2.34
CA PRO D 243 20.73 -20.52 3.30
C PRO D 243 19.96 -20.43 4.60
N TRP D 244 19.70 -21.58 5.20
CA TRP D 244 19.17 -21.66 6.56
C TRP D 244 20.37 -21.88 7.45
N TYR D 245 20.35 -21.28 8.64
CA TYR D 245 21.34 -21.46 9.71
C TYR D 245 20.56 -21.94 10.91
N VAL D 246 20.97 -23.08 11.48
CA VAL D 246 20.35 -23.61 12.69
C VAL D 246 21.16 -23.06 13.87
N ILE D 247 20.49 -22.28 14.72
CA ILE D 247 21.14 -21.64 15.85
C ILE D 247 20.80 -22.33 17.17
N PRO D 248 21.77 -23.01 17.85
CA PRO D 248 21.47 -23.57 19.19
C PRO D 248 21.10 -22.39 20.06
N ALA D 249 19.87 -22.37 20.59
CA ALA D 249 19.36 -21.16 21.21
C ALA D 249 18.87 -21.30 22.64
N ASN D 250 19.22 -22.40 23.33
CA ASN D 250 18.87 -22.54 24.76
C ASN D 250 19.65 -21.52 25.59
N LYS D 251 20.86 -21.13 25.13
CA LYS D 251 21.69 -20.12 25.79
C LYS D 251 21.60 -18.85 24.94
N ASN D 252 20.92 -17.83 25.44
CA ASN D 252 20.73 -16.56 24.74
C ASN D 252 22.04 -15.87 24.38
N TRP D 253 23.03 -15.93 25.29
CA TRP D 253 24.34 -15.36 25.03
C TRP D 253 24.98 -15.95 23.76
N TYR D 254 24.83 -17.26 23.58
CA TYR D 254 25.39 -17.95 22.43
C TYR D 254 24.61 -17.65 21.17
N ARG D 255 23.27 -17.68 21.29
CA ARG D 255 22.35 -17.37 20.19
C ARG D 255 22.67 -15.96 19.64
N ASN D 256 22.80 -14.95 20.53
CA ASN D 256 23.05 -13.57 20.10
C ASN D 256 24.39 -13.42 19.44
N TRP D 257 25.42 -14.04 20.02
CA TRP D 257 26.78 -13.99 19.48
C TRP D 257 26.85 -14.62 18.09
N LEU D 258 26.29 -15.85 17.94
CA LEU D 258 26.33 -16.59 16.69
C LEU D 258 25.56 -15.91 15.57
N VAL D 259 24.35 -15.41 15.86
CA VAL D 259 23.55 -14.67 14.87
C VAL D 259 24.33 -13.42 14.42
N SER D 260 24.91 -12.67 15.38
CA SER D 260 25.69 -11.48 15.06
C SER D 260 26.89 -11.85 14.20
N HIS D 261 27.60 -12.96 14.56
CA HIS D 261 28.76 -13.44 13.83
C HIS D 261 28.44 -13.70 12.36
N ILE D 262 27.40 -14.50 12.10
CA ILE D 262 26.98 -14.88 10.75
C ILE D 262 26.52 -13.66 9.96
N LEU D 263 25.75 -12.77 10.60
CA LEU D 263 25.25 -11.57 9.90
C LEU D 263 26.42 -10.64 9.50
N VAL D 264 27.34 -10.40 10.43
CA VAL D 264 28.49 -9.54 10.18
C VAL D 264 29.37 -10.11 9.05
N GLU D 265 29.65 -11.42 9.10
CA GLU D 265 30.44 -12.10 8.08
C GLU D 265 29.77 -11.96 6.72
N THR D 266 28.45 -12.17 6.66
CA THR D 266 27.71 -12.05 5.41
C THR D 266 27.78 -10.63 4.85
N LEU D 267 27.53 -9.61 5.68
CA LEU D 267 27.58 -8.20 5.26
C LEU D 267 28.97 -7.80 4.79
N GLU D 268 30.04 -8.33 5.46
CA GLU D 268 31.44 -8.07 5.07
C GLU D 268 31.75 -8.65 3.70
N GLY D 269 31.20 -9.83 3.43
CA GLY D 269 31.36 -10.50 2.14
C GLY D 269 30.79 -9.73 0.96
N LEU D 270 29.90 -8.74 1.22
CA LEU D 270 29.32 -7.93 0.15
C LEU D 270 30.31 -6.88 -0.37
N ALA D 271 31.38 -6.58 0.42
CA ALA D 271 32.45 -5.62 0.10
C ALA D 271 31.86 -4.27 -0.34
N MET D 272 30.93 -3.75 0.47
CA MET D 272 30.23 -2.49 0.20
C MET D 272 31.18 -1.30 0.24
N GLN D 273 30.97 -0.32 -0.64
CA GLN D 273 31.81 0.87 -0.75
C GLN D 273 30.96 2.11 -0.60
N TYR D 274 31.48 3.13 0.12
CA TYR D 274 30.78 4.40 0.25
C TYR D 274 30.77 5.07 -1.15
N PRO D 275 29.62 5.57 -1.66
CA PRO D 275 29.64 6.22 -2.98
C PRO D 275 30.54 7.46 -3.00
N GLN D 276 31.15 7.73 -4.15
CA GLN D 276 31.98 8.93 -4.28
C GLN D 276 31.41 9.82 -5.39
N PRO D 277 30.31 10.58 -5.12
CA PRO D 277 29.74 11.45 -6.19
C PRO D 277 30.67 12.57 -6.64
#